data_5T1M
#
_entry.id   5T1M
#
_cell.length_a   64.200
_cell.length_b   82.500
_cell.length_c   212.490
_cell.angle_alpha   90.00
_cell.angle_beta   90.00
_cell.angle_gamma   90.00
#
_symmetry.space_group_name_H-M   'P 21 21 21'
#
loop_
_entity.id
_entity.type
_entity.pdbx_description
1 polymer 'CETUXIMAB FAB LIGHT CHAIN'
2 polymer 'CETUXIMAB FAB HEAVY CHAIN'
3 polymer 'CYCLIC PEPTIDE CQYDLSTRRLKC'
4 non-polymer 'PHOSPHATE ION'
5 non-polymer 2-acetamido-2-deoxy-beta-D-glucopyranose
6 water water
#
loop_
_entity_poly.entity_id
_entity_poly.type
_entity_poly.pdbx_seq_one_letter_code
_entity_poly.pdbx_strand_id
1 'polypeptide(L)'
;DILLTQSPVILSVSPGERVSFSCRASQSIGTNIHWYQQRTNGSPRLLIKYASESISGIPSRFSGSGSGTDFTLSINSVES
EDIADYYCQQNNNWPTTFGAGTKLELKRTVAAPSVFIFPPSDEQLKSGTASVVCLLNNFYPREAKVQWKVDNALQSGNSQ
ESVTEQDSKDSTYSLSSTLTLSKADYEKHKVYACEVTHQGLSSPVTKSFNRGA
;
A,C
2 'polypeptide(L)'
;(PCA)VQLKQSGPGLVQPSQSLSITCTVSGFSLTNYGVHWVRQSPGKGLEWLGVIWSGGNTDYNTPFTSRLSINKDNSKS
QVFFKMNSLQSNDTAIYYCARALTYYDYEFAYWGQGTLVTVSAASTKGPSVFPLAPSSKSTSGGTAALGCLVKDYFPEPV
TVSWNSGALTSGVHTFPAVLQSSGLYSLSSVVTVPSSSLGTQTYICNVNHKPSNTKVDKRVEPKS
;
B,D
3 'polypeptide(L)' CQYDLSTRRLKC E,F,H
#
loop_
_chem_comp.id
_chem_comp.type
_chem_comp.name
_chem_comp.formula
NAG D-saccharide, beta linking 2-acetamido-2-deoxy-beta-D-glucopyranose 'C8 H15 N O6'
PO4 non-polymer 'PHOSPHATE ION' 'O4 P -3'
#
# COMPACT_ATOMS: atom_id res chain seq x y z
N ASP A 1 21.22 -15.42 20.17
CA ASP A 1 19.97 -15.78 19.50
C ASP A 1 20.04 -15.49 18.00
N ILE A 2 19.43 -16.34 17.19
CA ILE A 2 19.34 -16.08 15.76
C ILE A 2 18.33 -14.96 15.50
N LEU A 3 18.76 -13.95 14.76
CA LEU A 3 17.83 -12.92 14.33
C LEU A 3 17.22 -13.33 13.01
N LEU A 4 15.90 -13.22 12.91
CA LEU A 4 15.21 -13.49 11.66
C LEU A 4 14.61 -12.19 11.17
N THR A 5 14.94 -11.84 9.94
CA THR A 5 14.40 -10.61 9.36
C THR A 5 13.41 -10.91 8.24
N GLN A 6 12.15 -10.49 8.45
CA GLN A 6 11.09 -10.70 7.46
C GLN A 6 10.85 -9.46 6.63
N SER A 7 10.63 -9.67 5.33
CA SER A 7 10.43 -8.53 4.44
C SER A 7 9.40 -8.87 3.37
N PRO A 8 8.63 -7.84 2.94
CA PRO A 8 8.63 -6.53 3.61
C PRO A 8 7.76 -6.61 4.86
N VAL A 9 7.54 -5.49 5.53
CA VAL A 9 6.75 -5.53 6.76
C VAL A 9 5.28 -5.62 6.40
N ILE A 10 4.94 -5.20 5.18
CA ILE A 10 3.55 -5.19 4.73
C ILE A 10 3.43 -5.41 3.21
N LEU A 11 2.47 -6.22 2.81
CA LEU A 11 2.29 -6.60 1.41
C LEU A 11 0.86 -6.37 0.98
N SER A 12 0.69 -5.68 -0.15
CA SER A 12 -0.62 -5.45 -0.70
C SER A 12 -0.72 -6.06 -2.09
N VAL A 13 -1.77 -6.86 -2.31
CA VAL A 13 -1.91 -7.64 -3.55
C VAL A 13 -3.39 -7.84 -3.89
N SER A 14 -3.69 -8.16 -5.15
CA SER A 14 -5.07 -8.44 -5.56
C SER A 14 -5.28 -9.96 -5.57
N PRO A 15 -6.56 -10.41 -5.44
CA PRO A 15 -6.81 -11.86 -5.46
C PRO A 15 -6.35 -12.49 -6.76
N GLY A 16 -5.91 -13.74 -6.70
CA GLY A 16 -5.44 -14.45 -7.88
C GLY A 16 -3.99 -14.14 -8.24
N GLU A 17 -3.38 -13.22 -7.54
CA GLU A 17 -2.00 -12.86 -7.70
C GLU A 17 -1.07 -13.73 -6.93
N ARG A 18 0.19 -13.79 -7.35
CA ARG A 18 1.25 -14.47 -6.60
C ARG A 18 1.85 -13.53 -5.54
N VAL A 19 2.20 -14.08 -4.38
CA VAL A 19 2.85 -13.32 -3.32
C VAL A 19 3.96 -14.13 -2.65
N SER A 20 5.09 -13.48 -2.40
CA SER A 20 6.20 -14.15 -1.72
C SER A 20 6.52 -13.46 -0.40
N PHE A 21 6.74 -14.27 0.63
CA PHE A 21 7.20 -13.75 1.91
C PHE A 21 8.66 -14.14 2.07
N SER A 22 9.48 -13.17 2.48
CA SER A 22 10.91 -13.43 2.69
CA SER A 22 10.90 -13.44 2.69
C SER A 22 11.22 -13.47 4.18
N CYS A 23 12.16 -14.35 4.54
CA CYS A 23 12.63 -14.51 5.92
C CYS A 23 14.12 -14.75 5.81
N ARG A 24 14.90 -13.83 6.33
CA ARG A 24 16.35 -13.97 6.25
C ARG A 24 16.95 -14.19 7.62
N ALA A 25 17.84 -15.17 7.70
CA ALA A 25 18.48 -15.51 8.97
C ALA A 25 19.87 -14.86 9.14
N SER A 26 20.18 -14.44 10.36
CA SER A 26 21.46 -13.82 10.67
C SER A 26 22.65 -14.77 10.56
N GLN A 27 22.39 -16.07 10.46
CA GLN A 27 23.41 -17.05 10.09
C GLN A 27 22.72 -18.29 9.54
N SER A 28 23.48 -19.19 8.93
CA SER A 28 22.90 -20.37 8.30
C SER A 28 22.13 -21.19 9.32
N ILE A 29 21.03 -21.80 8.89
CA ILE A 29 20.20 -22.60 9.79
C ILE A 29 19.64 -23.80 9.03
N GLY A 30 20.28 -24.13 7.92
CA GLY A 30 19.86 -25.24 7.09
C GLY A 30 18.47 -25.05 6.50
N THR A 31 17.58 -25.97 6.86
CA THR A 31 16.18 -25.89 6.44
C THR A 31 15.29 -25.86 7.67
N ASN A 32 15.85 -25.45 8.80
CA ASN A 32 15.13 -25.53 10.05
C ASN A 32 14.27 -24.29 10.24
N ILE A 33 13.29 -24.13 9.36
CA ILE A 33 12.38 -23.01 9.42
C ILE A 33 10.92 -23.49 9.31
N HIS A 34 10.04 -22.88 10.11
CA HIS A 34 8.61 -23.16 10.05
C HIS A 34 7.84 -21.86 9.76
N TRP A 35 6.69 -21.98 9.08
CA TRP A 35 5.87 -20.81 8.79
C TRP A 35 4.50 -20.87 9.47
N TYR A 36 4.02 -19.70 9.90
CA TYR A 36 2.71 -19.60 10.52
C TYR A 36 1.86 -18.50 9.90
N GLN A 37 0.55 -18.70 10.00
CA GLN A 37 -0.42 -17.71 9.58
C GLN A 37 -1.18 -17.29 10.83
N GLN A 38 -1.38 -15.98 11.00
CA GLN A 38 -2.20 -15.51 12.11
C GLN A 38 -3.31 -14.56 11.65
N ARG A 39 -4.56 -14.96 11.83
CA ARG A 39 -5.72 -14.16 11.48
C ARG A 39 -6.14 -13.29 12.66
N THR A 40 -6.91 -12.24 12.38
CA THR A 40 -7.45 -11.37 13.42
C THR A 40 -8.08 -12.21 14.55
N ASN A 41 -7.70 -11.92 15.79
CA ASN A 41 -8.26 -12.61 16.96
C ASN A 41 -7.94 -14.09 17.04
N GLY A 42 -7.00 -14.53 16.20
CA GLY A 42 -6.62 -15.92 16.18
C GLY A 42 -5.21 -16.25 16.67
N SER A 43 -4.99 -17.54 16.89
CA SER A 43 -3.68 -18.05 17.25
C SER A 43 -2.93 -18.29 15.97
N PRO A 44 -1.59 -18.41 16.05
CA PRO A 44 -0.81 -18.82 14.88
C PRO A 44 -1.26 -20.20 14.38
N ARG A 45 -1.26 -20.36 13.07
CA ARG A 45 -1.61 -21.61 12.43
C ARG A 45 -0.43 -22.11 11.59
N LEU A 46 -0.01 -23.35 11.85
CA LEU A 46 1.17 -23.92 11.18
C LEU A 46 0.93 -24.20 9.69
N LEU A 47 1.71 -23.55 8.84
CA LEU A 47 1.51 -23.63 7.40
C LEU A 47 2.47 -24.58 6.72
N ILE A 48 3.73 -24.49 7.11
CA ILE A 48 4.81 -25.24 6.48
C ILE A 48 5.81 -25.60 7.58
N LYS A 49 6.39 -26.80 7.53
CA LYS A 49 7.44 -27.15 8.47
C LYS A 49 8.70 -27.52 7.69
N TYR A 50 9.86 -27.21 8.26
CA TYR A 50 11.15 -27.50 7.64
C TYR A 50 11.28 -26.97 6.22
N ALA A 51 11.09 -25.65 6.09
CA ALA A 51 11.30 -24.91 4.85
C ALA A 51 10.29 -25.19 3.75
N SER A 52 9.96 -26.46 3.52
CA SER A 52 9.18 -26.83 2.35
C SER A 52 8.14 -27.94 2.53
N GLU A 53 8.07 -28.55 3.70
CA GLU A 53 7.18 -29.71 3.91
C GLU A 53 5.73 -29.33 4.18
N SER A 54 4.79 -30.06 3.59
CA SER A 54 3.38 -29.74 3.72
C SER A 54 2.80 -30.11 5.09
N ILE A 55 1.71 -29.46 5.44
CA ILE A 55 1.03 -29.68 6.71
C ILE A 55 -0.38 -30.13 6.40
N SER A 56 -0.89 -31.07 7.18
CA SER A 56 -2.25 -31.57 6.98
C SER A 56 -3.30 -30.44 6.98
N GLY A 57 -4.18 -30.45 5.99
CA GLY A 57 -5.30 -29.51 5.96
C GLY A 57 -4.95 -28.07 5.58
N ILE A 58 -3.71 -27.84 5.15
CA ILE A 58 -3.31 -26.55 4.64
C ILE A 58 -3.45 -26.58 3.13
N PRO A 59 -4.18 -25.60 2.57
CA PRO A 59 -4.47 -25.55 1.14
C PRO A 59 -3.20 -25.67 0.30
N SER A 60 -3.33 -26.30 -0.87
CA SER A 60 -2.17 -26.58 -1.70
C SER A 60 -1.51 -25.32 -2.21
N ARG A 61 -2.26 -24.21 -2.20
CA ARG A 61 -1.72 -22.93 -2.68
C ARG A 61 -0.57 -22.38 -1.81
N PHE A 62 -0.41 -22.93 -0.60
CA PHE A 62 0.72 -22.59 0.26
C PHE A 62 1.95 -23.48 0.05
N SER A 63 3.09 -22.85 -0.21
CA SER A 63 4.34 -23.58 -0.36
C SER A 63 5.53 -22.75 0.17
N GLY A 64 6.63 -23.43 0.45
CA GLY A 64 7.83 -22.77 0.93
C GLY A 64 9.09 -23.34 0.32
N SER A 65 10.13 -22.51 0.26
CA SER A 65 11.41 -22.96 -0.23
C SER A 65 12.55 -22.15 0.37
N GLY A 66 13.78 -22.56 0.08
CA GLY A 66 14.95 -21.91 0.65
C GLY A 66 15.77 -22.83 1.55
N SER A 67 17.03 -22.43 1.75
CA SER A 67 17.96 -23.11 2.66
C SER A 67 19.16 -22.22 2.94
N GLY A 68 19.73 -22.35 4.14
CA GLY A 68 20.83 -21.50 4.54
C GLY A 68 20.37 -20.29 5.34
N THR A 69 20.14 -19.17 4.66
CA THR A 69 19.79 -17.93 5.33
C THR A 69 18.61 -17.24 4.68
N ASP A 70 18.19 -17.74 3.54
CA ASP A 70 17.17 -17.06 2.75
C ASP A 70 16.00 -17.98 2.43
N PHE A 71 14.84 -17.67 3.01
CA PHE A 71 13.65 -18.54 2.91
C PHE A 71 12.46 -17.80 2.34
N THR A 72 11.58 -18.53 1.67
CA THR A 72 10.43 -17.91 1.01
C THR A 72 9.15 -18.71 1.25
N LEU A 73 8.09 -18.02 1.62
CA LEU A 73 6.77 -18.63 1.67
C LEU A 73 5.96 -18.08 0.51
N SER A 74 5.38 -18.96 -0.28
CA SER A 74 4.62 -18.54 -1.46
C SER A 74 3.14 -18.87 -1.37
N ILE A 75 2.30 -17.99 -1.91
CA ILE A 75 0.89 -18.27 -2.12
C ILE A 75 0.61 -18.03 -3.59
N ASN A 76 0.43 -19.11 -4.35
CA ASN A 76 0.43 -18.98 -5.81
C ASN A 76 -0.70 -18.11 -6.35
N SER A 77 -1.84 -18.12 -5.65
CA SER A 77 -3.01 -17.39 -6.10
C SER A 77 -3.85 -16.98 -4.90
N VAL A 78 -3.61 -15.77 -4.42
CA VAL A 78 -4.18 -15.27 -3.17
C VAL A 78 -5.70 -15.27 -3.18
N GLU A 79 -6.27 -15.61 -2.04
CA GLU A 79 -7.70 -15.49 -1.83
C GLU A 79 -7.99 -14.49 -0.71
N SER A 80 -9.20 -13.95 -0.69
CA SER A 80 -9.54 -12.93 0.31
C SER A 80 -9.39 -13.46 1.74
N GLU A 81 -9.57 -14.76 1.90
CA GLU A 81 -9.49 -15.40 3.21
CA GLU A 81 -9.49 -15.39 3.21
C GLU A 81 -8.04 -15.48 3.70
N ASP A 82 -7.09 -15.16 2.82
CA ASP A 82 -5.68 -15.24 3.20
C ASP A 82 -5.17 -14.03 3.98
N ILE A 83 -6.04 -13.06 4.24
CA ILE A 83 -5.64 -11.88 5.00
C ILE A 83 -5.20 -12.31 6.38
N ALA A 84 -3.99 -11.92 6.76
CA ALA A 84 -3.36 -12.39 7.98
C ALA A 84 -1.96 -11.82 8.13
N ASP A 85 -1.32 -12.17 9.25
CA ASP A 85 0.08 -11.92 9.44
C ASP A 85 0.82 -13.23 9.30
N TYR A 86 1.98 -13.17 8.68
CA TYR A 86 2.74 -14.37 8.41
C TYR A 86 4.09 -14.29 9.11
N TYR A 87 4.40 -15.33 9.85
CA TYR A 87 5.62 -15.41 10.64
C TYR A 87 6.46 -16.60 10.24
N CYS A 88 7.77 -16.45 10.36
CA CYS A 88 8.68 -17.58 10.24
C CYS A 88 9.30 -17.84 11.60
N GLN A 89 9.79 -19.05 11.79
CA GLN A 89 10.34 -19.47 13.06
C GLN A 89 11.54 -20.34 12.75
N GLN A 90 12.68 -20.09 13.40
CA GLN A 90 13.83 -20.98 13.26
C GLN A 90 14.02 -21.83 14.50
N ASN A 91 14.46 -23.07 14.32
CA ASN A 91 14.84 -23.93 15.43
C ASN A 91 16.09 -24.75 15.15
N ASN A 92 17.01 -24.16 14.40
CA ASN A 92 18.32 -24.76 14.23
C ASN A 92 19.13 -24.50 15.49
N ASN A 93 18.88 -23.35 16.13
CA ASN A 93 19.63 -22.93 17.30
C ASN A 93 18.72 -22.56 18.48
N TRP A 94 19.06 -23.09 19.64
CA TRP A 94 18.33 -22.79 20.85
C TRP A 94 18.66 -21.36 21.31
N PRO A 95 17.64 -20.60 21.76
CA PRO A 95 16.23 -20.97 21.80
C PRO A 95 15.54 -20.67 20.47
N THR A 96 14.44 -21.34 20.19
CA THR A 96 13.69 -21.09 18.97
C THR A 96 13.22 -19.62 18.96
N THR A 97 13.28 -18.98 17.79
CA THR A 97 12.89 -17.57 17.69
C THR A 97 12.02 -17.31 16.48
N PHE A 98 11.26 -16.23 16.55
CA PHE A 98 10.29 -15.88 15.53
C PHE A 98 10.67 -14.56 14.91
N GLY A 99 10.28 -14.37 13.65
CA GLY A 99 10.46 -13.10 12.96
C GLY A 99 9.39 -12.12 13.40
N ALA A 100 9.55 -10.86 13.02
CA ALA A 100 8.59 -9.81 13.39
C ALA A 100 7.31 -9.88 12.56
N GLY A 101 7.37 -10.61 11.44
CA GLY A 101 6.18 -10.83 10.61
C GLY A 101 5.94 -9.89 9.44
N THR A 102 5.11 -10.34 8.51
CA THR A 102 4.73 -9.54 7.36
C THR A 102 3.21 -9.49 7.34
N LYS A 103 2.65 -8.28 7.17
CA LYS A 103 1.20 -8.13 7.14
C LYS A 103 0.66 -8.21 5.71
N LEU A 104 -0.29 -9.11 5.49
CA LEU A 104 -0.86 -9.29 4.15
C LEU A 104 -2.22 -8.60 4.00
N GLU A 105 -2.26 -7.54 3.21
CA GLU A 105 -3.51 -6.84 2.92
C GLU A 105 -3.92 -7.09 1.48
N LEU A 106 -5.23 -7.09 1.25
CA LEU A 106 -5.76 -7.36 -0.09
C LEU A 106 -6.36 -6.15 -0.76
N LYS A 107 -6.04 -5.97 -2.03
CA LYS A 107 -6.62 -4.89 -2.82
C LYS A 107 -7.99 -5.32 -3.33
N ARG A 108 -8.88 -4.36 -3.50
CA ARG A 108 -10.18 -4.61 -4.10
C ARG A 108 -10.67 -3.30 -4.68
N THR A 109 -11.82 -3.33 -5.36
CA THR A 109 -12.40 -2.12 -5.92
C THR A 109 -12.91 -1.16 -4.83
N VAL A 110 -12.99 0.12 -5.17
CA VAL A 110 -13.54 1.12 -4.28
C VAL A 110 -15.00 0.84 -3.88
N ALA A 111 -15.26 0.92 -2.58
CA ALA A 111 -16.60 0.74 -2.03
C ALA A 111 -16.95 1.92 -1.10
N ALA A 112 -18.02 2.63 -1.43
CA ALA A 112 -18.49 3.71 -0.57
C ALA A 112 -19.04 3.12 0.73
N PRO A 113 -18.84 3.82 1.84
CA PRO A 113 -19.45 3.31 3.08
C PRO A 113 -20.95 3.53 3.11
N SER A 114 -21.70 2.63 3.74
CA SER A 114 -23.08 2.91 4.10
C SER A 114 -22.99 3.54 5.48
N VAL A 115 -23.68 4.66 5.68
CA VAL A 115 -23.54 5.43 6.92
C VAL A 115 -24.79 5.41 7.79
N PHE A 116 -24.60 5.23 9.10
CA PHE A 116 -25.70 5.13 10.04
C PHE A 116 -25.37 5.93 11.30
N ILE A 117 -26.37 6.58 11.89
CA ILE A 117 -26.11 7.36 13.10
C ILE A 117 -27.02 6.88 14.24
N PHE A 118 -26.49 6.89 15.46
CA PHE A 118 -27.22 6.43 16.63
C PHE A 118 -27.17 7.46 17.74
N PRO A 119 -28.34 7.99 18.13
CA PRO A 119 -28.46 8.85 19.30
C PRO A 119 -28.08 8.09 20.55
N PRO A 120 -27.73 8.81 21.61
CA PRO A 120 -27.56 8.16 22.91
C PRO A 120 -28.88 7.54 23.42
N SER A 121 -28.77 6.44 24.15
CA SER A 121 -29.92 5.77 24.74
C SER A 121 -30.38 6.55 25.98
N ASP A 122 -31.67 6.45 26.29
CA ASP A 122 -32.19 7.06 27.51
C ASP A 122 -31.51 6.43 28.73
N GLU A 123 -31.13 5.15 28.58
CA GLU A 123 -30.48 4.41 29.67
CA GLU A 123 -30.49 4.40 29.65
C GLU A 123 -29.13 5.02 30.03
N GLN A 124 -28.36 5.42 29.02
CA GLN A 124 -27.06 6.03 29.29
C GLN A 124 -27.18 7.42 29.90
N LEU A 125 -28.13 8.22 29.42
CA LEU A 125 -28.29 9.58 29.90
C LEU A 125 -28.53 9.65 31.41
N LYS A 126 -29.05 8.55 31.97
CA LYS A 126 -29.18 8.44 33.42
C LYS A 126 -27.83 8.54 34.15
N SER A 127 -26.73 8.32 33.44
CA SER A 127 -25.40 8.38 34.04
C SER A 127 -24.62 9.66 33.73
N GLY A 128 -25.31 10.67 33.20
CA GLY A 128 -24.70 11.98 33.00
C GLY A 128 -23.80 12.09 31.78
N THR A 129 -23.73 11.03 30.99
CA THR A 129 -22.90 11.03 29.79
C THR A 129 -23.71 10.64 28.56
N ALA A 130 -23.43 11.29 27.44
CA ALA A 130 -24.10 10.94 26.18
C ALA A 130 -23.08 10.54 25.12
N SER A 131 -23.23 9.33 24.60
CA SER A 131 -22.41 8.84 23.49
C SER A 131 -23.21 8.84 22.18
N VAL A 132 -22.70 9.52 21.16
CA VAL A 132 -23.35 9.53 19.85
C VAL A 132 -22.48 8.75 18.87
N VAL A 133 -23.05 7.77 18.18
CA VAL A 133 -22.23 6.90 17.36
C VAL A 133 -22.53 7.07 15.88
N CYS A 134 -21.46 7.08 15.08
CA CYS A 134 -21.59 7.05 13.64
C CYS A 134 -20.95 5.78 13.07
N LEU A 135 -21.70 5.01 12.29
CA LEU A 135 -21.18 3.79 11.67
C LEU A 135 -20.91 3.96 10.18
N LEU A 136 -19.67 3.68 9.77
CA LEU A 136 -19.30 3.60 8.35
C LEU A 136 -19.12 2.12 8.06
N ASN A 137 -19.96 1.58 7.19
CA ASN A 137 -20.00 0.14 7.00
C ASN A 137 -19.54 -0.34 5.62
N ASN A 138 -18.67 -1.35 5.64
CA ASN A 138 -18.28 -2.09 4.44
C ASN A 138 -17.75 -1.24 3.29
N PHE A 139 -16.62 -0.58 3.52
CA PHE A 139 -16.05 0.36 2.56
C PHE A 139 -14.58 0.06 2.28
N TYR A 140 -14.05 0.67 1.22
CA TYR A 140 -12.66 0.50 0.81
C TYR A 140 -12.31 1.63 -0.16
N PRO A 141 -11.10 2.21 -0.04
CA PRO A 141 -10.02 1.85 0.89
C PRO A 141 -10.24 2.37 2.29
N ARG A 142 -9.24 2.17 3.14
CA ARG A 142 -9.34 2.39 4.58
C ARG A 142 -9.47 3.86 4.98
N GLU A 143 -8.91 4.75 4.16
CA GLU A 143 -8.93 6.19 4.46
C GLU A 143 -10.35 6.79 4.44
N ALA A 144 -10.73 7.48 5.52
CA ALA A 144 -12.05 8.09 5.66
C ALA A 144 -12.03 9.28 6.65
N LYS A 145 -12.93 10.25 6.47
CA LYS A 145 -13.03 11.36 7.42
C LYS A 145 -14.45 11.42 7.98
N VAL A 146 -14.57 11.59 9.29
CA VAL A 146 -15.85 11.84 9.93
C VAL A 146 -15.82 13.22 10.58
N GLN A 147 -16.82 14.04 10.28
CA GLN A 147 -16.95 15.34 10.88
C GLN A 147 -18.23 15.47 11.69
N TRP A 148 -18.09 15.73 12.97
CA TRP A 148 -19.24 15.96 13.82
C TRP A 148 -19.60 17.44 13.89
N LYS A 149 -20.90 17.70 13.80
CA LYS A 149 -21.43 19.03 14.00
C LYS A 149 -22.62 18.96 14.95
N VAL A 150 -22.61 19.83 15.95
CA VAL A 150 -23.67 19.94 16.91
C VAL A 150 -24.18 21.37 16.77
N ASP A 151 -25.44 21.51 16.33
CA ASP A 151 -26.01 22.83 16.04
C ASP A 151 -25.08 23.69 15.16
N ASN A 152 -24.58 23.10 14.09
CA ASN A 152 -23.62 23.75 13.20
C ASN A 152 -22.26 24.12 13.79
N ALA A 153 -22.02 23.81 15.07
CA ALA A 153 -20.70 24.01 15.64
C ALA A 153 -19.85 22.77 15.38
N LEU A 154 -18.73 22.98 14.70
CA LEU A 154 -17.84 21.90 14.34
C LEU A 154 -17.17 21.26 15.57
N GLN A 155 -17.28 19.95 15.70
CA GLN A 155 -16.75 19.28 16.88
C GLN A 155 -15.30 18.86 16.70
N SER A 156 -14.51 19.05 17.75
CA SER A 156 -13.11 18.71 17.72
C SER A 156 -12.63 18.18 19.08
N GLY A 157 -11.86 17.11 19.05
CA GLY A 157 -11.24 16.59 20.25
C GLY A 157 -12.12 15.71 21.13
N ASN A 158 -13.40 15.57 20.78
CA ASN A 158 -14.33 14.83 21.63
C ASN A 158 -14.91 13.58 20.97
N SER A 159 -14.23 13.12 19.91
CA SER A 159 -14.61 11.87 19.25
C SER A 159 -13.42 10.90 19.19
N GLN A 160 -13.73 9.61 19.11
CA GLN A 160 -12.73 8.58 18.85
C GLN A 160 -13.19 7.59 17.77
N GLU A 161 -12.22 7.11 16.99
CA GLU A 161 -12.51 6.16 15.93
C GLU A 161 -11.92 4.79 16.22
N SER A 162 -12.63 3.76 15.78
CA SER A 162 -12.12 2.39 15.77
C SER A 162 -12.41 1.84 14.38
N VAL A 163 -11.45 1.10 13.84
CA VAL A 163 -11.58 0.50 12.51
C VAL A 163 -11.36 -1.01 12.60
N THR A 164 -12.20 -1.79 11.95
CA THR A 164 -11.99 -3.22 11.89
C THR A 164 -10.85 -3.54 10.94
N GLU A 165 -10.26 -4.72 11.09
CA GLU A 165 -9.33 -5.22 10.09
C GLU A 165 -10.12 -5.64 8.87
N GLN A 166 -9.45 -5.99 7.78
CA GLN A 166 -10.16 -6.39 6.56
C GLN A 166 -11.10 -7.54 6.77
N ASP A 167 -12.26 -7.50 6.10
CA ASP A 167 -13.18 -8.62 6.14
C ASP A 167 -12.62 -9.78 5.30
N SER A 168 -12.71 -10.98 5.86
CA SER A 168 -12.16 -12.16 5.19
C SER A 168 -12.92 -12.52 3.91
N LYS A 169 -14.15 -12.03 3.76
CA LYS A 169 -14.97 -12.40 2.61
C LYS A 169 -14.91 -11.34 1.51
N ASP A 170 -15.17 -10.09 1.87
CA ASP A 170 -15.23 -9.02 0.87
C ASP A 170 -14.11 -7.98 0.92
N SER A 171 -13.17 -8.16 1.86
CA SER A 171 -11.98 -7.32 1.95
C SER A 171 -12.22 -5.87 2.36
N THR A 172 -13.42 -5.58 2.88
CA THR A 172 -13.77 -4.20 3.27
C THR A 172 -13.48 -3.89 4.73
N TYR A 173 -13.45 -2.59 5.04
CA TYR A 173 -13.32 -2.15 6.41
C TYR A 173 -14.64 -1.60 6.87
N SER A 174 -14.83 -1.52 8.18
CA SER A 174 -15.90 -0.73 8.76
C SER A 174 -15.31 0.11 9.87
N LEU A 175 -15.95 1.24 10.18
CA LEU A 175 -15.43 2.20 11.16
C LEU A 175 -16.53 2.76 12.04
N SER A 176 -16.22 2.92 13.31
CA SER A 176 -17.13 3.56 14.25
C SER A 176 -16.52 4.86 14.75
N SER A 177 -17.29 5.94 14.69
CA SER A 177 -16.89 7.20 15.31
C SER A 177 -17.84 7.50 16.46
N THR A 178 -17.29 7.64 17.66
CA THR A 178 -18.10 7.92 18.83
C THR A 178 -17.84 9.35 19.33
N LEU A 179 -18.90 10.15 19.36
CA LEU A 179 -18.84 11.50 19.89
C LEU A 179 -19.27 11.41 21.36
N THR A 180 -18.45 11.94 22.26
CA THR A 180 -18.77 11.88 23.68
C THR A 180 -19.00 13.27 24.32
N LEU A 181 -20.21 13.47 24.83
CA LEU A 181 -20.62 14.72 25.46
C LEU A 181 -21.17 14.44 26.84
N SER A 182 -21.12 15.48 27.68
CA SER A 182 -21.83 15.45 28.95
C SER A 182 -23.33 15.51 28.66
N LYS A 183 -24.13 14.92 29.56
CA LYS A 183 -25.58 14.99 29.43
C LYS A 183 -26.02 16.43 29.32
N ALA A 184 -25.40 17.30 30.12
CA ALA A 184 -25.83 18.69 30.19
C ALA A 184 -25.68 19.34 28.83
N ASP A 185 -24.55 19.08 28.20
CA ASP A 185 -24.22 19.61 26.89
C ASP A 185 -25.18 19.03 25.84
N TYR A 186 -25.38 17.73 25.88
CA TYR A 186 -26.29 17.10 24.93
C TYR A 186 -27.68 17.72 25.02
N GLU A 187 -28.14 17.98 26.23
CA GLU A 187 -29.50 18.47 26.42
C GLU A 187 -29.65 19.92 25.96
N LYS A 188 -28.53 20.63 25.83
CA LYS A 188 -28.57 22.04 25.40
C LYS A 188 -28.56 22.22 23.88
N HIS A 189 -28.63 21.12 23.12
CA HIS A 189 -28.53 21.22 21.66
C HIS A 189 -29.47 20.28 20.92
N LYS A 190 -29.73 20.59 19.65
CA LYS A 190 -30.77 19.89 18.91
C LYS A 190 -30.26 18.99 17.77
N VAL A 191 -29.51 19.57 16.84
CA VAL A 191 -29.12 18.89 15.62
C VAL A 191 -27.74 18.26 15.70
N TYR A 192 -27.70 16.93 15.71
CA TYR A 192 -26.46 16.16 15.80
C TYR A 192 -26.15 15.53 14.46
N ALA A 193 -25.04 15.93 13.86
CA ALA A 193 -24.75 15.50 12.49
C ALA A 193 -23.41 14.82 12.33
N CYS A 194 -23.36 13.90 11.39
CA CYS A 194 -22.17 13.14 11.12
C CYS A 194 -21.90 13.20 9.63
N GLU A 195 -20.88 13.96 9.25
CA GLU A 195 -20.54 14.08 7.83
C GLU A 195 -19.35 13.17 7.46
N VAL A 196 -19.52 12.38 6.40
CA VAL A 196 -18.55 11.37 6.06
C VAL A 196 -17.96 11.67 4.70
N THR A 197 -16.64 11.63 4.63
CA THR A 197 -15.89 11.87 3.40
C THR A 197 -15.13 10.61 3.02
N HIS A 198 -15.25 10.21 1.76
CA HIS A 198 -14.58 8.99 1.31
C HIS A 198 -14.47 8.98 -0.20
N GLN A 199 -13.41 8.35 -0.70
CA GLN A 199 -13.15 8.23 -2.13
C GLN A 199 -14.33 7.59 -2.91
N GLY A 200 -15.14 6.79 -2.23
CA GLY A 200 -16.27 6.15 -2.86
C GLY A 200 -17.47 7.05 -3.04
N LEU A 201 -17.50 8.18 -2.32
CA LEU A 201 -18.61 9.12 -2.39
C LEU A 201 -18.23 10.33 -3.23
N SER A 202 -19.08 10.71 -4.17
CA SER A 202 -18.79 11.89 -4.98
C SER A 202 -18.94 13.18 -4.15
N SER A 203 -19.78 13.12 -3.12
CA SER A 203 -19.94 14.23 -2.17
C SER A 203 -20.00 13.66 -0.76
N PRO A 204 -19.70 14.49 0.25
CA PRO A 204 -19.85 14.01 1.63
C PRO A 204 -21.29 13.64 1.90
N VAL A 205 -21.46 12.57 2.68
CA VAL A 205 -22.77 12.08 3.08
C VAL A 205 -22.98 12.44 4.54
N THR A 206 -24.11 13.08 4.82
CA THR A 206 -24.43 13.49 6.19
C THR A 206 -25.60 12.72 6.76
N LYS A 207 -25.39 12.14 7.92
CA LYS A 207 -26.50 11.55 8.66
C LYS A 207 -26.71 12.37 9.91
N SER A 208 -27.97 12.64 10.24
CA SER A 208 -28.26 13.44 11.43
C SER A 208 -29.58 13.09 12.06
N PHE A 209 -29.81 13.65 13.24
CA PHE A 209 -31.07 13.49 13.96
C PHE A 209 -31.27 14.68 14.85
N ASN A 210 -32.53 14.96 15.20
CA ASN A 210 -32.83 15.99 16.18
C ASN A 210 -33.07 15.36 17.54
N ARG A 211 -32.32 15.80 18.55
CA ARG A 211 -32.48 15.27 19.90
C ARG A 211 -33.95 15.37 20.31
N GLY A 212 -34.44 14.34 21.00
CA GLY A 212 -35.82 14.30 21.45
C GLY A 212 -36.78 13.99 20.33
N ALA A 213 -36.49 12.93 19.56
CA ALA A 213 -37.33 12.47 18.46
C ALA A 213 -37.59 13.52 17.38
N PCA B 1 -9.93 -35.23 18.93
CA PCA B 1 -9.37 -33.97 18.45
CB PCA B 1 -10.49 -32.98 18.10
CG PCA B 1 -11.75 -33.54 18.72
CD PCA B 1 -11.35 -34.94 19.09
OE PCA B 1 -12.18 -35.76 19.47
C PCA B 1 -8.48 -33.34 19.50
O PCA B 1 -8.87 -33.21 20.66
N VAL B 2 -7.27 -32.95 19.10
CA VAL B 2 -6.35 -32.26 19.99
C VAL B 2 -6.86 -30.85 20.28
N GLN B 3 -6.95 -30.50 21.57
CA GLN B 3 -7.32 -29.15 22.00
C GLN B 3 -6.49 -28.72 23.21
N LEU B 4 -6.18 -27.43 23.29
CA LEU B 4 -5.53 -26.85 24.46
C LEU B 4 -6.40 -25.67 24.91
N LYS B 5 -7.00 -25.76 26.09
CA LYS B 5 -7.88 -24.69 26.56
C LYS B 5 -7.28 -24.00 27.77
N GLN B 6 -7.06 -22.70 27.66
CA GLN B 6 -6.37 -21.95 28.70
C GLN B 6 -7.36 -21.27 29.64
N SER B 7 -6.89 -20.87 30.80
CA SER B 7 -7.76 -20.16 31.74
C SER B 7 -8.04 -18.73 31.25
N GLY B 8 -9.05 -18.09 31.87
CA GLY B 8 -9.52 -16.77 31.47
C GLY B 8 -8.52 -15.61 31.59
N PRO B 9 -8.84 -14.48 30.92
CA PRO B 9 -8.02 -13.27 30.94
C PRO B 9 -7.88 -12.67 32.34
N GLY B 10 -6.70 -12.12 32.62
CA GLY B 10 -6.39 -11.66 33.95
C GLY B 10 -5.70 -10.31 34.01
N LEU B 11 -5.88 -9.67 35.15
CA LEU B 11 -5.19 -8.45 35.51
C LEU B 11 -4.17 -8.81 36.59
N VAL B 12 -2.94 -8.33 36.44
CA VAL B 12 -1.91 -8.62 37.42
C VAL B 12 -1.26 -7.32 37.89
N GLN B 13 -1.20 -7.14 39.22
CA GLN B 13 -0.51 -5.99 39.79
C GLN B 13 0.98 -6.06 39.47
N PRO B 14 1.62 -4.90 39.26
CA PRO B 14 3.07 -4.89 39.02
C PRO B 14 3.83 -5.59 40.15
N SER B 15 4.89 -6.30 39.78
CA SER B 15 5.74 -7.05 40.71
C SER B 15 5.05 -8.28 41.33
N GLN B 16 3.82 -8.54 40.90
CA GLN B 16 3.10 -9.73 41.37
C GLN B 16 3.20 -10.84 40.34
N SER B 17 2.58 -11.99 40.65
CA SER B 17 2.77 -13.19 39.84
C SER B 17 1.60 -13.51 38.90
N LEU B 18 1.93 -14.12 37.78
CA LEU B 18 0.97 -14.56 36.78
C LEU B 18 0.78 -16.09 36.87
N SER B 19 -0.45 -16.56 36.95
CA SER B 19 -0.72 -18.00 36.93
C SER B 19 -1.71 -18.39 35.84
N ILE B 20 -1.31 -19.30 34.95
CA ILE B 20 -2.20 -19.77 33.91
C ILE B 20 -2.27 -21.29 33.88
N THR B 21 -3.47 -21.82 33.69
CA THR B 21 -3.66 -23.25 33.57
C THR B 21 -3.94 -23.59 32.11
N CYS B 22 -3.22 -24.60 31.61
CA CYS B 22 -3.51 -25.17 30.30
C CYS B 22 -4.14 -26.54 30.50
N THR B 23 -5.34 -26.73 29.98
CA THR B 23 -5.98 -28.03 30.09
C THR B 23 -6.06 -28.62 28.69
N VAL B 24 -5.52 -29.81 28.52
CA VAL B 24 -5.41 -30.41 27.21
C VAL B 24 -6.35 -31.60 27.06
N SER B 25 -6.62 -31.96 25.82
CA SER B 25 -7.50 -33.07 25.52
C SER B 25 -7.16 -33.61 24.11
N GLY B 26 -7.41 -34.90 23.89
CA GLY B 26 -7.11 -35.52 22.61
C GLY B 26 -5.72 -36.13 22.53
N PHE B 27 -4.93 -35.88 23.57
CA PHE B 27 -3.62 -36.51 23.73
C PHE B 27 -3.27 -36.55 25.23
N SER B 28 -2.23 -37.31 25.58
CA SER B 28 -1.83 -37.44 26.98
C SER B 28 -0.59 -36.59 27.23
N LEU B 29 -0.54 -35.93 28.38
CA LEU B 29 0.61 -35.11 28.73
C LEU B 29 1.86 -35.95 28.91
N THR B 30 1.68 -37.27 29.11
CA THR B 30 2.81 -38.19 29.23
C THR B 30 3.47 -38.48 27.88
N ASN B 31 2.82 -38.11 26.78
CA ASN B 31 3.37 -38.38 25.45
C ASN B 31 3.82 -37.16 24.67
N TYR B 32 3.48 -35.96 25.14
CA TYR B 32 3.87 -34.73 24.46
C TYR B 32 4.38 -33.65 25.40
N GLY B 33 5.27 -32.81 24.90
CA GLY B 33 5.72 -31.66 25.64
C GLY B 33 4.73 -30.53 25.42
N VAL B 34 4.56 -29.70 26.43
CA VAL B 34 3.75 -28.50 26.26
C VAL B 34 4.61 -27.24 26.39
N HIS B 35 4.55 -26.41 25.36
CA HIS B 35 5.36 -25.19 25.31
C HIS B 35 4.56 -23.96 25.68
N TRP B 36 5.25 -22.92 26.16
CA TRP B 36 4.60 -21.64 26.40
C TRP B 36 5.26 -20.55 25.58
N VAL B 37 4.43 -19.84 24.83
CA VAL B 37 4.87 -18.77 23.95
C VAL B 37 3.99 -17.57 24.26
N ARG B 38 4.60 -16.38 24.29
CA ARG B 38 3.82 -15.16 24.47
C ARG B 38 3.97 -14.24 23.26
N GLN B 39 3.07 -13.27 23.15
CA GLN B 39 3.08 -12.31 22.06
C GLN B 39 2.80 -10.91 22.61
N SER B 40 3.80 -10.04 22.50
CA SER B 40 3.71 -8.69 23.08
C SER B 40 3.97 -7.65 22.03
N PRO B 41 3.47 -6.42 22.26
CA PRO B 41 3.77 -5.31 21.34
C PRO B 41 5.28 -5.12 21.15
N GLY B 42 6.03 -5.15 22.24
CA GLY B 42 7.46 -4.88 22.19
C GLY B 42 8.38 -5.98 21.68
N LYS B 43 7.98 -7.24 21.79
CA LYS B 43 8.88 -8.34 21.41
C LYS B 43 8.25 -9.37 20.46
N GLY B 44 7.02 -9.12 20.01
CA GLY B 44 6.33 -10.04 19.12
C GLY B 44 6.21 -11.43 19.73
N LEU B 45 6.37 -12.47 18.91
CA LEU B 45 6.37 -13.85 19.39
C LEU B 45 7.70 -14.24 20.05
N GLU B 46 7.59 -14.84 21.22
CA GLU B 46 8.73 -15.08 22.08
C GLU B 46 8.49 -16.42 22.76
N TRP B 47 9.40 -17.37 22.56
CA TRP B 47 9.27 -18.67 23.22
C TRP B 47 9.78 -18.58 24.64
N LEU B 48 8.95 -18.99 25.60
CA LEU B 48 9.26 -18.86 27.02
C LEU B 48 9.88 -20.12 27.61
N GLY B 49 9.30 -21.27 27.31
CA GLY B 49 9.79 -22.54 27.81
C GLY B 49 8.85 -23.69 27.56
N VAL B 50 9.14 -24.84 28.21
CA VAL B 50 8.45 -26.08 27.92
C VAL B 50 8.51 -27.08 29.08
N ILE B 51 7.44 -27.86 29.26
CA ILE B 51 7.53 -29.03 30.11
C ILE B 51 7.35 -30.30 29.28
N TRP B 52 8.37 -31.17 29.34
CA TRP B 52 8.42 -32.34 28.46
C TRP B 52 7.59 -33.48 29.01
N SER B 53 7.43 -34.50 28.18
CA SER B 53 6.71 -35.72 28.56
C SER B 53 7.07 -36.21 29.96
N GLY B 54 8.36 -36.39 30.21
CA GLY B 54 8.82 -36.91 31.48
C GLY B 54 8.92 -35.91 32.62
N GLY B 55 8.47 -34.67 32.40
CA GLY B 55 8.45 -33.69 33.48
C GLY B 55 9.63 -32.74 33.63
N ASN B 56 10.68 -32.91 32.81
CA ASN B 56 11.76 -31.93 32.77
C ASN B 56 11.26 -30.62 32.17
N THR B 57 11.93 -29.54 32.52
CA THR B 57 11.58 -28.23 31.98
C THR B 57 12.80 -27.52 31.41
N ASP B 58 12.57 -26.72 30.39
CA ASP B 58 13.55 -25.75 29.91
C ASP B 58 12.88 -24.40 29.89
N TYR B 59 13.62 -23.37 30.29
CA TYR B 59 13.10 -22.02 30.25
C TYR B 59 14.03 -21.14 29.42
N ASN B 60 13.45 -20.30 28.57
CA ASN B 60 14.25 -19.37 27.77
C ASN B 60 15.10 -18.47 28.68
N THR B 61 16.34 -18.22 28.26
CA THR B 61 17.36 -17.58 29.10
C THR B 61 16.91 -16.40 29.99
N PRO B 62 16.18 -15.42 29.42
CA PRO B 62 15.77 -14.31 30.27
C PRO B 62 14.61 -14.59 31.25
N PHE B 63 14.12 -15.82 31.30
CA PHE B 63 13.00 -16.13 32.19
C PHE B 63 13.35 -17.20 33.24
N THR B 64 14.54 -17.78 33.14
CA THR B 64 15.01 -18.81 34.07
C THR B 64 14.72 -18.52 35.56
N SER B 65 14.92 -17.26 35.94
CA SER B 65 14.77 -16.81 37.32
C SER B 65 13.31 -16.70 37.78
N ARG B 66 12.43 -16.24 36.91
CA ARG B 66 11.09 -15.89 37.35
C ARG B 66 10.00 -16.83 36.83
N LEU B 67 10.38 -17.80 36.03
CA LEU B 67 9.40 -18.68 35.43
C LEU B 67 9.43 -20.06 36.07
N SER B 68 8.25 -20.66 36.25
CA SER B 68 8.20 -22.07 36.58
C SER B 68 6.97 -22.77 35.97
N ILE B 69 7.22 -23.92 35.34
CA ILE B 69 6.16 -24.71 34.70
C ILE B 69 5.99 -26.06 35.37
N ASN B 70 4.76 -26.39 35.76
CA ASN B 70 4.43 -27.69 36.35
C ASN B 70 3.22 -28.30 35.68
N LYS B 71 2.92 -29.55 36.01
CA LYS B 71 1.78 -30.21 35.42
C LYS B 71 1.20 -31.32 36.29
N ASP B 72 -0.03 -31.73 35.93
CA ASP B 72 -0.70 -32.87 36.54
C ASP B 72 -1.17 -33.74 35.38
N ASN B 73 -0.39 -34.77 35.09
CA ASN B 73 -0.69 -35.70 34.00
C ASN B 73 -2.12 -36.22 34.06
N SER B 74 -2.50 -36.71 35.24
CA SER B 74 -3.80 -37.35 35.43
C SER B 74 -4.95 -36.39 35.21
N LYS B 75 -4.73 -35.10 35.48
CA LYS B 75 -5.77 -34.08 35.29
C LYS B 75 -5.63 -33.35 33.96
N SER B 76 -4.64 -33.76 33.16
CA SER B 76 -4.36 -33.12 31.87
C SER B 76 -4.09 -31.62 31.98
N GLN B 77 -3.48 -31.19 33.07
CA GLN B 77 -3.25 -29.78 33.29
C GLN B 77 -1.80 -29.37 33.32
N VAL B 78 -1.48 -28.27 32.65
CA VAL B 78 -0.15 -27.66 32.74
C VAL B 78 -0.21 -26.32 33.47
N PHE B 79 0.63 -26.14 34.47
CA PHE B 79 0.63 -24.89 35.23
C PHE B 79 1.84 -23.98 34.93
N PHE B 80 1.52 -22.79 34.44
CA PHE B 80 2.50 -21.76 34.09
C PHE B 80 2.45 -20.68 35.15
N LYS B 81 3.59 -20.37 35.74
CA LYS B 81 3.68 -19.30 36.72
C LYS B 81 4.92 -18.44 36.45
N MET B 82 4.72 -17.14 36.36
CA MET B 82 5.83 -16.20 36.17
C MET B 82 5.80 -15.12 37.25
N ASN B 83 6.97 -14.79 37.80
CA ASN B 83 7.10 -13.88 38.94
C ASN B 83 7.39 -12.44 38.54
N SER B 84 7.13 -11.53 39.48
CA SER B 84 7.47 -10.10 39.37
C SER B 84 7.25 -9.47 38.01
N LEU B 85 6.00 -9.42 37.59
CA LEU B 85 5.64 -8.86 36.28
C LEU B 85 5.79 -7.35 36.25
N GLN B 86 6.24 -6.84 35.12
CA GLN B 86 6.29 -5.39 34.90
C GLN B 86 5.43 -5.09 33.70
N SER B 87 5.18 -3.80 33.47
CA SER B 87 4.27 -3.38 32.40
C SER B 87 4.55 -4.02 31.04
N ASN B 88 5.84 -4.17 30.70
CA ASN B 88 6.16 -4.76 29.40
C ASN B 88 6.01 -6.29 29.36
N ASP B 89 5.40 -6.85 30.39
CA ASP B 89 5.02 -8.26 30.41
C ASP B 89 3.57 -8.41 29.98
N THR B 90 2.90 -7.28 29.75
CA THR B 90 1.55 -7.28 29.22
C THR B 90 1.57 -7.90 27.85
N ALA B 91 0.84 -9.00 27.67
CA ALA B 91 0.87 -9.77 26.43
C ALA B 91 -0.20 -10.86 26.40
N ILE B 92 -0.34 -11.52 25.25
CA ILE B 92 -1.14 -12.72 25.18
C ILE B 92 -0.22 -13.91 25.36
N TYR B 93 -0.57 -14.75 26.32
CA TYR B 93 0.20 -15.96 26.63
C TYR B 93 -0.49 -17.19 26.06
N TYR B 94 0.28 -17.99 25.31
CA TYR B 94 -0.23 -19.22 24.71
C TYR B 94 0.46 -20.46 25.26
N CYS B 95 -0.31 -21.54 25.40
CA CYS B 95 0.30 -22.86 25.50
C CYS B 95 0.20 -23.48 24.11
N ALA B 96 1.17 -24.30 23.75
CA ALA B 96 1.14 -24.95 22.46
C ALA B 96 1.73 -26.37 22.50
N ARG B 97 1.40 -27.17 21.49
CA ARG B 97 1.93 -28.53 21.35
C ARG B 97 2.51 -28.73 19.95
N ALA B 98 3.64 -29.42 19.87
CA ALA B 98 4.27 -29.70 18.59
C ALA B 98 3.66 -30.92 17.90
N LEU B 99 4.05 -31.14 16.65
CA LEU B 99 3.63 -32.33 15.91
C LEU B 99 4.10 -33.63 16.56
N THR B 100 5.34 -33.64 17.02
CA THR B 100 5.89 -34.83 17.64
C THR B 100 6.36 -34.47 19.02
N TYR B 101 6.68 -35.49 19.81
CA TYR B 101 6.98 -35.31 21.23
C TYR B 101 8.17 -34.40 21.57
N TYR B 102 9.19 -34.42 20.71
CA TYR B 102 10.48 -33.80 20.99
C TYR B 102 10.69 -32.49 20.24
N ASP B 103 9.76 -32.14 19.35
CA ASP B 103 10.02 -31.10 18.38
C ASP B 103 9.40 -29.75 18.75
N TYR B 104 9.49 -28.78 17.84
CA TYR B 104 9.08 -27.42 18.16
C TYR B 104 8.23 -26.79 17.06
N GLU B 105 7.74 -27.58 16.11
CA GLU B 105 6.81 -27.02 15.12
C GLU B 105 5.39 -27.10 15.67
N PHE B 106 4.90 -25.95 16.13
CA PHE B 106 3.68 -25.88 16.92
C PHE B 106 2.38 -25.98 16.12
N ALA B 107 1.84 -27.19 16.04
CA ALA B 107 0.68 -27.46 15.21
C ALA B 107 -0.62 -27.11 15.92
N TYR B 108 -0.58 -27.08 17.25
CA TYR B 108 -1.80 -26.87 18.03
C TYR B 108 -1.59 -25.81 19.09
N TRP B 109 -2.55 -24.89 19.22
CA TRP B 109 -2.38 -23.77 20.14
C TRP B 109 -3.57 -23.59 21.07
N GLY B 110 -3.30 -23.10 22.27
CA GLY B 110 -4.36 -22.66 23.16
C GLY B 110 -4.99 -21.39 22.60
N GLN B 111 -6.16 -21.00 23.09
CA GLN B 111 -6.84 -19.85 22.52
C GLN B 111 -6.17 -18.53 22.93
N GLY B 112 -5.31 -18.60 23.94
CA GLY B 112 -4.54 -17.45 24.37
C GLY B 112 -5.14 -16.80 25.60
N THR B 113 -4.28 -16.34 26.50
CA THR B 113 -4.69 -15.61 27.69
C THR B 113 -4.09 -14.22 27.63
N LEU B 114 -4.95 -13.19 27.52
CA LEU B 114 -4.50 -11.80 27.56
C LEU B 114 -4.25 -11.34 28.99
N VAL B 115 -3.01 -10.95 29.27
CA VAL B 115 -2.63 -10.57 30.61
C VAL B 115 -2.31 -9.08 30.66
N THR B 116 -2.93 -8.36 31.60
CA THR B 116 -2.64 -6.95 31.76
C THR B 116 -1.92 -6.67 33.07
N VAL B 117 -0.73 -6.08 32.96
CA VAL B 117 -0.01 -5.66 34.15
C VAL B 117 -0.33 -4.21 34.40
N SER B 118 -1.04 -3.93 35.50
CA SER B 118 -1.46 -2.58 35.80
C SER B 118 -1.87 -2.49 37.27
N ALA B 119 -1.73 -1.30 37.84
CA ALA B 119 -2.13 -1.06 39.23
C ALA B 119 -3.63 -0.79 39.34
N ALA B 120 -4.25 -0.47 38.21
CA ALA B 120 -5.68 -0.14 38.17
C ALA B 120 -6.53 -1.32 38.61
N SER B 121 -7.73 -1.02 39.09
CA SER B 121 -8.64 -2.07 39.52
C SER B 121 -9.64 -2.47 38.44
N THR B 122 -10.04 -3.73 38.47
CA THR B 122 -11.06 -4.29 37.60
C THR B 122 -12.34 -3.49 37.66
N LYS B 123 -12.97 -3.30 36.50
CA LYS B 123 -14.25 -2.62 36.41
C LYS B 123 -15.06 -3.19 35.25
N GLY B 124 -16.28 -3.61 35.55
CA GLY B 124 -17.17 -4.14 34.53
C GLY B 124 -17.81 -3.06 33.68
N PRO B 125 -18.23 -3.41 32.46
CA PRO B 125 -18.77 -2.42 31.52
C PRO B 125 -20.26 -2.19 31.72
N SER B 126 -20.74 -1.07 31.17
CA SER B 126 -22.16 -0.85 31.00
C SER B 126 -22.48 -1.11 29.54
N VAL B 127 -23.66 -1.64 29.28
CA VAL B 127 -24.07 -1.97 27.92
C VAL B 127 -25.28 -1.14 27.51
N PHE B 128 -25.12 -0.32 26.47
CA PHE B 128 -26.22 0.50 25.96
C PHE B 128 -26.61 0.07 24.55
N PRO B 129 -27.89 0.20 24.21
CA PRO B 129 -28.35 -0.19 22.87
C PRO B 129 -27.99 0.86 21.84
N LEU B 130 -27.58 0.42 20.66
CA LEU B 130 -27.49 1.28 19.49
C LEU B 130 -28.71 0.95 18.63
N ALA B 131 -29.75 1.73 18.86
CA ALA B 131 -31.07 1.38 18.37
C ALA B 131 -31.31 1.90 16.97
N PRO B 132 -31.84 1.03 16.11
CA PRO B 132 -32.16 1.38 14.72
C PRO B 132 -33.39 2.25 14.64
N SER B 133 -33.43 3.16 13.67
CA SER B 133 -34.66 3.83 13.28
C SER B 133 -34.70 3.96 11.76
N SER B 134 -34.85 5.17 11.23
CA SER B 134 -34.83 5.37 9.78
C SER B 134 -33.93 6.54 9.37
N SER B 136 -31.13 4.79 10.81
CA SER B 136 -30.37 3.55 10.69
C SER B 136 -30.90 2.62 9.59
N THR B 137 -31.75 3.14 8.71
CA THR B 137 -32.29 2.38 7.57
C THR B 137 -31.83 2.95 6.22
N SER B 138 -31.30 2.09 5.36
CA SER B 138 -30.86 2.49 4.03
C SER B 138 -31.01 1.34 3.04
N GLY B 139 -31.83 1.55 2.01
CA GLY B 139 -32.09 0.53 1.02
C GLY B 139 -32.63 -0.74 1.65
N GLY B 140 -33.53 -0.58 2.60
CA GLY B 140 -34.13 -1.72 3.28
C GLY B 140 -33.22 -2.46 4.25
N THR B 141 -32.02 -1.96 4.47
CA THR B 141 -31.12 -2.58 5.45
C THR B 141 -31.08 -1.75 6.72
N ALA B 142 -31.19 -2.41 7.87
CA ALA B 142 -31.12 -1.72 9.14
C ALA B 142 -29.84 -2.11 9.88
N ALA B 143 -29.26 -1.15 10.60
CA ALA B 143 -28.10 -1.44 11.42
C ALA B 143 -28.45 -1.22 12.88
N LEU B 144 -27.92 -2.07 13.74
CA LEU B 144 -28.15 -1.91 15.15
C LEU B 144 -26.91 -2.41 15.87
N GLY B 145 -26.87 -2.24 17.18
CA GLY B 145 -25.67 -2.61 17.89
C GLY B 145 -25.78 -2.44 19.38
N CYS B 146 -24.61 -2.58 20.01
CA CYS B 146 -24.46 -2.46 21.44
C CYS B 146 -23.21 -1.63 21.74
N LEU B 147 -23.36 -0.65 22.61
CA LEU B 147 -22.20 0.10 23.08
C LEU B 147 -21.73 -0.48 24.41
N VAL B 148 -20.52 -1.02 24.43
CA VAL B 148 -19.94 -1.62 25.62
C VAL B 148 -18.88 -0.71 26.24
N LYS B 149 -19.27 0.01 27.29
CA LYS B 149 -18.53 1.17 27.72
C LYS B 149 -17.95 1.09 29.13
N ASP B 150 -16.77 1.69 29.29
CA ASP B 150 -16.16 1.93 30.60
C ASP B 150 -15.73 0.68 31.39
N TYR B 151 -14.90 -0.17 30.79
CA TYR B 151 -14.45 -1.37 31.48
C TYR B 151 -12.94 -1.48 31.54
N PHE B 152 -12.47 -2.37 32.41
CA PHE B 152 -11.05 -2.62 32.57
C PHE B 152 -10.79 -3.93 33.32
N PRO B 153 -9.79 -4.69 32.87
CA PRO B 153 -9.04 -4.41 31.64
C PRO B 153 -9.74 -5.06 30.45
N GLU B 154 -9.06 -5.13 29.32
CA GLU B 154 -9.49 -5.96 28.22
C GLU B 154 -9.35 -7.44 28.57
N PRO B 155 -10.04 -8.34 27.85
CA PRO B 155 -10.96 -8.05 26.75
C PRO B 155 -12.39 -8.25 27.19
N VAL B 156 -13.29 -7.92 26.28
CA VAL B 156 -14.69 -8.26 26.44
C VAL B 156 -15.03 -9.16 25.25
N THR B 157 -15.98 -10.06 25.39
CA THR B 157 -16.40 -10.84 24.23
C THR B 157 -17.82 -10.46 23.92
N VAL B 158 -18.14 -10.41 22.64
CA VAL B 158 -19.49 -10.05 22.20
C VAL B 158 -19.94 -11.02 21.12
N SER B 159 -21.09 -11.63 21.32
CA SER B 159 -21.74 -12.38 20.25
C SER B 159 -23.17 -11.87 20.06
N TRP B 160 -23.84 -12.31 19.01
CA TRP B 160 -25.25 -11.99 18.81
C TRP B 160 -26.13 -13.23 18.77
N ASN B 161 -27.22 -13.16 19.54
CA ASN B 161 -28.18 -14.24 19.63
C ASN B 161 -27.52 -15.56 19.95
N SER B 162 -26.62 -15.55 20.93
CA SER B 162 -25.96 -16.77 21.41
C SER B 162 -25.14 -17.47 20.33
N GLY B 163 -24.58 -16.72 19.40
CA GLY B 163 -23.77 -17.31 18.36
C GLY B 163 -24.55 -17.59 17.09
N ALA B 164 -25.88 -17.54 17.19
CA ALA B 164 -26.75 -17.82 16.03
C ALA B 164 -26.66 -16.77 14.92
N LEU B 165 -26.32 -15.54 15.27
CA LEU B 165 -26.24 -14.48 14.26
C LEU B 165 -24.79 -14.02 14.15
N THR B 166 -24.23 -14.20 12.95
CA THR B 166 -22.81 -13.92 12.69
C THR B 166 -22.63 -13.10 11.42
N SER B 167 -23.54 -13.28 10.48
CA SER B 167 -23.52 -12.60 9.21
C SER B 167 -23.85 -11.10 9.38
N GLY B 168 -22.94 -10.25 8.93
CA GLY B 168 -23.11 -8.81 9.07
C GLY B 168 -22.56 -8.22 10.35
N VAL B 169 -22.05 -9.06 11.25
CA VAL B 169 -21.58 -8.61 12.55
C VAL B 169 -20.20 -7.95 12.48
N HIS B 170 -20.05 -6.79 13.10
CA HIS B 170 -18.75 -6.15 13.23
C HIS B 170 -18.53 -5.71 14.68
N THR B 171 -17.61 -6.37 15.36
CA THR B 171 -17.20 -5.95 16.70
C THR B 171 -15.88 -5.16 16.62
N PHE B 172 -15.94 -3.88 16.98
CA PHE B 172 -14.79 -3.01 16.80
C PHE B 172 -13.70 -3.29 17.82
N PRO B 173 -12.43 -3.03 17.43
CA PRO B 173 -11.35 -3.07 18.42
C PRO B 173 -11.67 -2.06 19.52
N ALA B 174 -11.39 -2.40 20.77
CA ALA B 174 -11.61 -1.48 21.88
C ALA B 174 -10.63 -0.32 21.80
N VAL B 175 -11.05 0.84 22.29
CA VAL B 175 -10.19 2.00 22.38
C VAL B 175 -10.10 2.43 23.83
N LEU B 176 -8.94 2.93 24.22
CA LEU B 176 -8.74 3.37 25.59
C LEU B 176 -9.12 4.85 25.70
N GLN B 177 -10.07 5.16 26.58
CA GLN B 177 -10.54 6.53 26.80
C GLN B 177 -9.64 7.27 27.79
N SER B 178 -9.74 8.60 27.80
CA SER B 178 -8.89 9.43 28.68
C SER B 178 -9.13 9.12 30.16
N SER B 179 -10.21 8.41 30.46
CA SER B 179 -10.49 8.03 31.83
C SER B 179 -9.72 6.77 32.21
N GLY B 180 -8.97 6.22 31.27
CA GLY B 180 -8.22 4.99 31.49
C GLY B 180 -9.08 3.74 31.46
N LEU B 181 -10.28 3.86 30.88
CA LEU B 181 -11.19 2.73 30.73
C LEU B 181 -11.41 2.47 29.26
N TYR B 182 -11.72 1.22 28.92
CA TYR B 182 -11.95 0.86 27.53
C TYR B 182 -13.40 0.99 27.11
N SER B 183 -13.61 1.04 25.79
CA SER B 183 -14.94 1.20 25.26
C SER B 183 -14.98 0.64 23.84
N LEU B 184 -16.06 -0.05 23.49
CA LEU B 184 -16.20 -0.57 22.14
C LEU B 184 -17.66 -0.72 21.73
N SER B 185 -17.87 -0.71 20.42
CA SER B 185 -19.17 -1.03 19.88
C SER B 185 -19.13 -2.30 19.06
N SER B 186 -20.27 -2.97 19.00
CA SER B 186 -20.47 -4.13 18.14
C SER B 186 -21.77 -3.92 17.40
N VAL B 187 -21.74 -4.06 16.08
CA VAL B 187 -22.90 -3.77 15.25
C VAL B 187 -23.23 -4.93 14.33
N VAL B 188 -24.44 -4.88 13.78
CA VAL B 188 -24.87 -5.87 12.80
C VAL B 188 -25.87 -5.21 11.87
N THR B 189 -25.80 -5.55 10.59
CA THR B 189 -26.83 -5.09 9.65
C THR B 189 -27.79 -6.23 9.39
N VAL B 190 -29.08 -5.93 9.41
CA VAL B 190 -30.12 -6.93 9.21
C VAL B 190 -31.18 -6.30 8.32
N PRO B 191 -32.03 -7.13 7.70
CA PRO B 191 -33.14 -6.58 6.92
C PRO B 191 -34.10 -5.76 7.79
N SER B 192 -34.41 -4.54 7.34
CA SER B 192 -35.40 -3.68 8.00
C SER B 192 -36.63 -4.46 8.42
N SER B 193 -37.21 -5.23 7.51
CA SER B 193 -38.48 -5.95 7.74
C SER B 193 -38.42 -7.04 8.82
N SER B 194 -37.22 -7.44 9.22
CA SER B 194 -37.08 -8.46 10.23
C SER B 194 -37.09 -7.90 11.66
N LEU B 195 -37.12 -6.58 11.79
CA LEU B 195 -37.19 -5.95 13.12
C LEU B 195 -38.51 -6.20 13.83
N GLY B 196 -39.56 -6.55 13.09
CA GLY B 196 -40.82 -6.88 13.70
C GLY B 196 -40.85 -8.27 14.30
N THR B 197 -40.44 -9.24 13.49
CA THR B 197 -40.45 -10.64 13.89
C THR B 197 -39.36 -11.00 14.89
N GLN B 198 -38.11 -10.74 14.49
CA GLN B 198 -36.93 -11.29 15.13
C GLN B 198 -36.47 -10.55 16.38
N THR B 199 -35.89 -11.28 17.33
CA THR B 199 -35.23 -10.63 18.47
C THR B 199 -33.71 -10.51 18.24
N TYR B 200 -33.13 -9.40 18.68
CA TYR B 200 -31.70 -9.19 18.57
C TYR B 200 -31.13 -8.88 19.92
N ILE B 201 -30.19 -9.73 20.34
CA ILE B 201 -29.59 -9.63 21.64
C ILE B 201 -28.07 -9.72 21.49
N CYS B 202 -27.35 -8.74 22.03
CA CYS B 202 -25.91 -8.88 22.11
C CYS B 202 -25.56 -9.54 23.44
N ASN B 203 -24.71 -10.55 23.39
CA ASN B 203 -24.28 -11.25 24.59
C ASN B 203 -22.92 -10.74 24.97
N VAL B 204 -22.89 -9.92 26.02
CA VAL B 204 -21.63 -9.33 26.43
C VAL B 204 -21.06 -10.12 27.60
N ASN B 205 -19.77 -10.42 27.52
CA ASN B 205 -19.08 -11.07 28.62
C ASN B 205 -17.74 -10.44 28.93
N HIS B 206 -17.58 -10.00 30.17
CA HIS B 206 -16.34 -9.41 30.63
C HIS B 206 -15.87 -10.23 31.83
N LYS B 207 -15.12 -11.28 31.52
CA LYS B 207 -14.63 -12.24 32.52
C LYS B 207 -13.80 -11.70 33.69
N PRO B 208 -12.98 -10.65 33.47
CA PRO B 208 -12.20 -10.21 34.64
C PRO B 208 -13.06 -9.63 35.75
N SER B 209 -14.26 -9.17 35.43
CA SER B 209 -15.16 -8.64 36.46
C SER B 209 -16.39 -9.54 36.64
N ASN B 210 -16.41 -10.68 35.96
CA ASN B 210 -17.56 -11.59 35.97
C ASN B 210 -18.86 -10.89 35.58
N THR B 211 -18.76 -9.89 34.73
CA THR B 211 -19.93 -9.17 34.25
C THR B 211 -20.47 -9.83 32.99
N LYS B 212 -21.63 -10.46 33.12
CA LYS B 212 -22.21 -11.17 32.01
C LYS B 212 -23.62 -10.65 31.75
N VAL B 213 -23.78 -9.97 30.61
CA VAL B 213 -25.00 -9.21 30.31
C VAL B 213 -25.55 -9.51 28.92
N ASP B 214 -26.87 -9.73 28.82
CA ASP B 214 -27.52 -9.81 27.51
C ASP B 214 -28.38 -8.56 27.28
N LYS B 215 -28.18 -7.89 26.17
CA LYS B 215 -28.89 -6.66 25.91
C LYS B 215 -29.78 -6.85 24.72
N ARG B 216 -31.08 -6.64 24.93
CA ARG B 216 -32.05 -6.70 23.85
C ARG B 216 -32.05 -5.34 23.14
N VAL B 217 -31.79 -5.33 21.84
CA VAL B 217 -31.78 -4.08 21.11
C VAL B 217 -32.97 -3.95 20.15
N GLU B 218 -33.81 -2.96 20.41
CA GLU B 218 -35.05 -2.76 19.67
C GLU B 218 -35.05 -1.37 19.04
N PRO B 219 -35.92 -1.16 18.03
CA PRO B 219 -36.17 0.18 17.50
C PRO B 219 -36.80 1.03 18.60
N LYS B 220 -36.66 2.35 18.56
CA LYS B 220 -37.20 3.14 19.65
C LYS B 220 -38.56 3.75 19.36
N ASP C 1 13.42 -20.00 -22.19
CA ASP C 1 14.27 -19.06 -21.45
C ASP C 1 14.14 -19.22 -19.94
N ILE C 2 15.11 -18.67 -19.22
CA ILE C 2 15.08 -18.64 -17.76
C ILE C 2 14.07 -17.59 -17.34
N LEU C 3 13.08 -17.99 -16.57
CA LEU C 3 12.16 -17.01 -16.02
C LEU C 3 12.73 -16.41 -14.73
N LEU C 4 12.69 -15.10 -14.62
CA LEU C 4 13.12 -14.42 -13.41
C LEU C 4 11.90 -13.88 -12.68
N THR C 5 11.76 -14.26 -11.43
CA THR C 5 10.65 -13.79 -10.62
C THR C 5 11.15 -12.82 -9.56
N GLN C 6 10.69 -11.57 -9.64
CA GLN C 6 11.07 -10.59 -8.64
C GLN C 6 9.94 -10.33 -7.65
N SER C 7 10.31 -10.17 -6.38
CA SER C 7 9.33 -9.92 -5.35
C SER C 7 9.94 -9.01 -4.28
N PRO C 8 9.09 -8.21 -3.62
CA PRO C 8 7.68 -8.03 -3.99
C PRO C 8 7.55 -7.18 -5.25
N VAL C 9 6.35 -7.09 -5.76
CA VAL C 9 6.08 -6.35 -6.96
C VAL C 9 6.27 -4.85 -6.70
N ILE C 10 5.76 -4.40 -5.57
CA ILE C 10 5.95 -3.03 -5.14
C ILE C 10 6.33 -3.05 -3.67
N LEU C 11 7.11 -2.05 -3.26
CA LEU C 11 7.74 -2.05 -1.97
C LEU C 11 7.71 -0.65 -1.38
N SER C 12 7.18 -0.50 -0.17
CA SER C 12 7.14 0.80 0.49
C SER C 12 7.97 0.80 1.77
N VAL C 13 8.82 1.82 1.91
CA VAL C 13 9.84 1.85 2.97
C VAL C 13 10.10 3.28 3.47
N SER C 14 10.31 3.46 4.78
CA SER C 14 10.72 4.75 5.34
C SER C 14 12.24 4.94 5.24
N PRO C 15 12.71 6.20 5.12
CA PRO C 15 14.15 6.40 4.95
C PRO C 15 14.97 5.94 6.16
N GLY C 16 16.14 5.37 5.90
CA GLY C 16 17.01 4.90 6.96
C GLY C 16 16.82 3.43 7.21
N GLU C 17 15.66 2.91 6.82
CA GLU C 17 15.41 1.48 6.91
C GLU C 17 16.32 0.72 5.96
N ARG C 18 16.47 -0.57 6.21
CA ARG C 18 17.16 -1.48 5.31
C ARG C 18 16.13 -2.04 4.32
N VAL C 19 16.56 -2.26 3.09
CA VAL C 19 15.65 -2.69 2.02
C VAL C 19 16.16 -3.96 1.35
N SER C 20 15.26 -4.92 1.12
CA SER C 20 15.62 -6.17 0.47
C SER C 20 14.75 -6.47 -0.75
N PHE C 21 15.41 -6.71 -1.88
CA PHE C 21 14.71 -7.12 -3.11
C PHE C 21 15.02 -8.57 -3.42
N SER C 22 13.98 -9.34 -3.75
CA SER C 22 14.15 -10.75 -4.08
CA SER C 22 14.16 -10.76 -4.08
C SER C 22 14.12 -10.99 -5.58
N CYS C 23 15.03 -11.84 -6.06
CA CYS C 23 15.03 -12.28 -7.44
C CYS C 23 15.24 -13.79 -7.47
N ARG C 24 14.22 -14.52 -7.92
CA ARG C 24 14.32 -15.98 -7.98
C ARG C 24 14.36 -16.49 -9.41
N ALA C 25 15.36 -17.32 -9.72
CA ALA C 25 15.54 -17.86 -11.06
C ALA C 25 14.81 -19.19 -11.25
N SER C 26 14.15 -19.34 -12.40
CA SER C 26 13.33 -20.53 -12.69
C SER C 26 14.13 -21.82 -12.64
N GLN C 27 15.45 -21.70 -12.75
CA GLN C 27 16.36 -22.83 -12.54
C GLN C 27 17.73 -22.28 -12.13
N SER C 28 18.66 -23.15 -11.77
CA SER C 28 19.97 -22.69 -11.33
C SER C 28 20.74 -21.86 -12.38
N ILE C 29 21.42 -20.82 -11.91
CA ILE C 29 22.21 -19.97 -12.77
C ILE C 29 23.52 -19.51 -12.09
N GLY C 30 23.99 -20.29 -11.14
CA GLY C 30 25.22 -19.96 -10.43
C GLY C 30 25.21 -18.59 -9.76
N THR C 31 26.13 -17.72 -10.18
CA THR C 31 26.10 -16.33 -9.75
C THR C 31 25.90 -15.36 -10.91
N ASN C 32 25.35 -15.83 -12.03
CA ASN C 32 25.26 -14.99 -13.21
C ASN C 32 24.07 -14.03 -13.18
N ILE C 33 24.05 -13.15 -12.17
CA ILE C 33 22.97 -12.19 -12.01
C ILE C 33 23.51 -10.74 -11.94
N HIS C 34 22.89 -9.82 -12.66
CA HIS C 34 23.26 -8.40 -12.56
C HIS C 34 22.05 -7.62 -12.10
N TRP C 35 22.28 -6.49 -11.42
CA TRP C 35 21.20 -5.68 -10.91
C TRP C 35 21.25 -4.27 -11.47
N TYR C 36 20.07 -3.69 -11.72
CA TYR C 36 19.98 -2.33 -12.23
C TYR C 36 18.99 -1.48 -11.46
N GLN C 37 19.23 -0.18 -11.48
CA GLN C 37 18.31 0.80 -10.92
C GLN C 37 17.82 1.68 -12.06
N GLN C 38 16.52 1.81 -12.20
CA GLN C 38 16.00 2.70 -13.23
C GLN C 38 15.11 3.78 -12.64
N ARG C 39 15.58 5.02 -12.72
CA ARG C 39 14.82 6.17 -12.22
C ARG C 39 13.85 6.69 -13.26
N THR C 40 12.88 7.48 -12.79
CA THR C 40 11.94 8.16 -13.67
C THR C 40 12.67 8.87 -14.80
N ASN C 41 12.28 8.59 -16.04
CA ASN C 41 12.86 9.18 -17.26
C ASN C 41 14.31 8.81 -17.54
N GLY C 42 14.84 7.84 -16.81
CA GLY C 42 16.21 7.42 -17.01
C GLY C 42 16.39 6.03 -17.58
N SER C 43 17.59 5.79 -18.10
CA SER C 43 18.03 4.47 -18.52
C SER C 43 18.35 3.57 -17.32
N PRO C 44 18.46 2.26 -17.53
CA PRO C 44 18.87 1.44 -16.39
C PRO C 44 20.28 1.80 -15.98
N ARG C 45 20.57 1.67 -14.69
CA ARG C 45 21.88 1.97 -14.14
C ARG C 45 22.40 0.74 -13.42
N LEU C 46 23.53 0.22 -13.87
CA LEU C 46 24.11 -1.02 -13.34
C LEU C 46 24.60 -0.83 -11.89
N LEU C 47 24.09 -1.66 -10.98
CA LEU C 47 24.40 -1.54 -9.57
C LEU C 47 25.36 -2.62 -9.08
N ILE C 48 25.05 -3.86 -9.47
CA ILE C 48 25.81 -5.03 -9.04
C ILE C 48 26.01 -5.97 -10.23
N LYS C 49 27.18 -6.56 -10.32
CA LYS C 49 27.42 -7.56 -11.34
C LYS C 49 27.79 -8.86 -10.67
N TYR C 50 27.36 -9.97 -11.27
CA TYR C 50 27.71 -11.31 -10.80
C TYR C 50 27.33 -11.50 -9.33
N ALA C 51 26.07 -11.17 -9.02
CA ALA C 51 25.47 -11.39 -7.71
C ALA C 51 25.94 -10.47 -6.57
N SER C 52 27.24 -10.23 -6.49
CA SER C 52 27.76 -9.60 -5.29
C SER C 52 28.87 -8.57 -5.51
N GLU C 53 29.25 -8.35 -6.76
CA GLU C 53 30.41 -7.51 -7.07
C GLU C 53 30.05 -6.03 -7.30
N SER C 54 30.79 -5.13 -6.69
CA SER C 54 30.49 -3.71 -6.76
C SER C 54 30.95 -3.03 -8.07
N ILE C 55 30.18 -2.02 -8.47
CA ILE C 55 30.44 -1.27 -9.69
C ILE C 55 30.98 0.10 -9.29
N SER C 56 31.92 0.62 -10.07
CA SER C 56 32.55 1.89 -9.72
C SER C 56 31.53 3.04 -9.66
N GLY C 57 31.58 3.82 -8.57
CA GLY C 57 30.77 5.01 -8.45
C GLY C 57 29.40 4.81 -7.79
N ILE C 58 29.03 3.55 -7.57
CA ILE C 58 27.75 3.23 -6.93
C ILE C 58 27.93 3.39 -5.42
N PRO C 59 26.96 4.00 -4.74
CA PRO C 59 27.02 4.17 -3.27
C PRO C 59 27.26 2.87 -2.53
N SER C 60 28.02 2.94 -1.44
CA SER C 60 28.38 1.77 -0.65
C SER C 60 27.17 1.03 -0.06
N ARG C 61 26.07 1.75 0.13
CA ARG C 61 24.88 1.19 0.77
C ARG C 61 24.19 0.12 -0.10
N PHE C 62 24.53 0.09 -1.38
CA PHE C 62 24.07 -0.96 -2.28
C PHE C 62 24.98 -2.19 -2.18
N SER C 63 24.40 -3.35 -1.95
CA SER C 63 25.13 -4.62 -2.05
C SER C 63 24.21 -5.75 -2.55
N GLY C 64 24.83 -6.87 -2.93
CA GLY C 64 24.09 -8.05 -3.34
C GLY C 64 24.67 -9.36 -2.83
N SER C 65 23.84 -10.40 -2.81
CA SER C 65 24.25 -11.71 -2.36
C SER C 65 23.41 -12.80 -3.03
N GLY C 66 23.86 -14.05 -2.89
CA GLY C 66 23.13 -15.19 -3.42
C GLY C 66 23.86 -15.97 -4.49
N SER C 67 23.46 -17.24 -4.63
CA SER C 67 23.92 -18.11 -5.70
C SER C 67 22.89 -19.20 -5.92
N GLY C 68 22.87 -19.78 -7.11
CA GLY C 68 21.91 -20.84 -7.41
C GLY C 68 20.65 -20.30 -8.04
N THR C 69 19.62 -20.08 -7.21
CA THR C 69 18.33 -19.57 -7.69
C THR C 69 17.82 -18.34 -6.93
N ASP C 70 18.32 -18.12 -5.72
CA ASP C 70 17.82 -17.05 -4.84
C ASP C 70 18.83 -15.91 -4.69
N PHE C 71 18.44 -14.73 -5.13
CA PHE C 71 19.34 -13.59 -5.11
C PHE C 71 18.70 -12.40 -4.40
N THR C 72 19.53 -11.56 -3.80
CA THR C 72 19.04 -10.44 -3.01
C THR C 72 19.82 -9.18 -3.31
N LEU C 73 19.11 -8.08 -3.59
CA LEU C 73 19.74 -6.78 -3.67
C LEU C 73 19.44 -6.06 -2.35
N SER C 74 20.46 -5.44 -1.77
CA SER C 74 20.29 -4.81 -0.46
C SER C 74 20.68 -3.34 -0.44
N ILE C 75 19.82 -2.53 0.17
CA ILE C 75 20.12 -1.14 0.47
C ILE C 75 20.07 -1.04 1.99
N ASN C 76 21.22 -0.88 2.65
CA ASN C 76 21.24 -0.96 4.11
C ASN C 76 20.57 0.22 4.85
N SER C 77 20.58 1.39 4.22
CA SER C 77 19.92 2.55 4.79
C SER C 77 19.38 3.39 3.66
N VAL C 78 18.12 3.16 3.32
CA VAL C 78 17.54 3.73 2.11
C VAL C 78 17.45 5.26 2.17
N GLU C 79 17.74 5.91 1.06
CA GLU C 79 17.62 7.36 0.97
C GLU C 79 16.51 7.76 -0.01
N SER C 80 15.97 8.97 0.17
CA SER C 80 14.87 9.46 -0.67
C SER C 80 15.24 9.43 -2.15
N GLU C 81 16.51 9.65 -2.44
CA GLU C 81 17.00 9.63 -3.82
CA GLU C 81 17.03 9.63 -3.80
C GLU C 81 17.01 8.24 -4.43
N ASP C 82 16.77 7.21 -3.62
CA ASP C 82 16.74 5.84 -4.14
C ASP C 82 15.43 5.38 -4.80
N ILE C 83 14.42 6.25 -4.86
CA ILE C 83 13.18 5.92 -5.57
C ILE C 83 13.45 5.55 -7.03
N ALA C 84 13.10 4.32 -7.39
CA ALA C 84 13.35 3.80 -8.73
C ALA C 84 12.69 2.43 -8.85
N ASP C 85 12.85 1.84 -10.02
CA ASP C 85 12.49 0.46 -10.21
C ASP C 85 13.77 -0.33 -10.31
N TYR C 86 13.77 -1.51 -9.69
CA TYR C 86 14.96 -2.32 -9.57
C TYR C 86 14.80 -3.66 -10.29
N TYR C 87 15.75 -3.94 -11.17
CA TYR C 87 15.66 -5.07 -12.06
C TYR C 87 16.82 -6.03 -11.87
N CYS C 88 16.53 -7.33 -11.92
CA CYS C 88 17.58 -8.30 -12.01
C CYS C 88 17.70 -8.83 -13.46
N GLN C 89 18.87 -9.38 -13.77
CA GLN C 89 19.16 -9.87 -15.11
C GLN C 89 20.01 -11.12 -14.97
N GLN C 90 19.63 -12.18 -15.66
CA GLN C 90 20.42 -13.40 -15.67
C GLN C 90 21.15 -13.51 -16.98
N ASN C 91 22.34 -14.09 -16.96
CA ASN C 91 23.08 -14.38 -18.18
C ASN C 91 23.85 -15.68 -18.07
N ASN C 92 23.25 -16.68 -17.45
CA ASN C 92 23.86 -17.99 -17.45
C ASN C 92 23.39 -18.78 -18.67
N ASN C 93 22.23 -18.40 -19.20
CA ASN C 93 21.63 -19.06 -20.36
C ASN C 93 21.18 -18.05 -21.40
N TRP C 94 21.57 -18.31 -22.63
CA TRP C 94 21.19 -17.46 -23.76
C TRP C 94 19.74 -17.74 -24.10
N PRO C 95 18.94 -16.68 -24.27
CA PRO C 95 19.35 -15.26 -24.24
C PRO C 95 19.30 -14.63 -22.84
N THR C 96 20.10 -13.59 -22.65
CA THR C 96 20.05 -12.87 -21.38
C THR C 96 18.63 -12.35 -21.16
N THR C 97 18.11 -12.52 -19.95
CA THR C 97 16.74 -12.12 -19.66
C THR C 97 16.69 -11.27 -18.42
N PHE C 98 15.63 -10.46 -18.31
CA PHE C 98 15.42 -9.54 -17.18
C PHE C 98 14.16 -9.89 -16.42
N GLY C 99 14.18 -9.67 -15.11
CA GLY C 99 12.97 -9.75 -14.31
C GLY C 99 11.99 -8.62 -14.61
N ALA C 100 10.81 -8.68 -14.00
CA ALA C 100 9.75 -7.71 -14.23
C ALA C 100 9.92 -6.43 -13.40
N GLY C 101 10.77 -6.52 -12.37
CA GLY C 101 11.12 -5.36 -11.57
C GLY C 101 10.33 -5.24 -10.29
N THR C 102 10.91 -4.51 -9.34
CA THR C 102 10.20 -4.13 -8.12
C THR C 102 10.20 -2.61 -8.12
N LYS C 103 9.06 -2.02 -7.80
CA LYS C 103 8.94 -0.58 -7.63
C LYS C 103 9.21 -0.18 -6.19
N LEU C 104 10.21 0.69 -5.99
CA LEU C 104 10.54 1.17 -4.66
C LEU C 104 9.94 2.54 -4.37
N GLU C 105 9.02 2.57 -3.41
CA GLU C 105 8.38 3.82 -3.01
C GLU C 105 8.86 4.26 -1.61
N LEU C 106 8.87 5.56 -1.36
CA LEU C 106 9.28 6.04 -0.05
C LEU C 106 8.14 6.62 0.77
N LYS C 107 8.15 6.30 2.07
CA LYS C 107 7.21 6.86 3.00
C LYS C 107 7.77 8.17 3.48
N ARG C 108 6.89 9.10 3.80
CA ARG C 108 7.25 10.34 4.47
C ARG C 108 6.03 10.76 5.23
N THR C 109 6.14 11.85 5.99
CA THR C 109 5.01 12.36 6.75
C THR C 109 3.95 12.89 5.78
N VAL C 110 2.71 12.96 6.26
CA VAL C 110 1.61 13.52 5.48
C VAL C 110 1.89 14.99 5.15
N ALA C 111 1.56 15.38 3.92
CA ALA C 111 1.73 16.77 3.49
C ALA C 111 0.56 17.22 2.61
N ALA C 112 -0.04 18.35 2.96
CA ALA C 112 -1.20 18.85 2.25
C ALA C 112 -0.82 19.47 0.92
N PRO C 113 -1.71 19.37 -0.09
CA PRO C 113 -1.46 20.04 -1.37
C PRO C 113 -1.46 21.57 -1.24
N SER C 114 -0.67 22.23 -2.07
CA SER C 114 -0.87 23.65 -2.30
C SER C 114 -1.59 23.75 -3.63
N VAL C 115 -2.69 24.49 -3.65
CA VAL C 115 -3.59 24.46 -4.79
C VAL C 115 -3.62 25.77 -5.56
N PHE C 116 -3.60 25.65 -6.88
CA PHE C 116 -3.60 26.81 -7.75
C PHE C 116 -4.54 26.55 -8.91
N ILE C 117 -5.31 27.57 -9.30
CA ILE C 117 -6.19 27.44 -10.45
C ILE C 117 -5.71 28.38 -11.56
N PHE C 118 -5.82 27.94 -12.81
CA PHE C 118 -5.37 28.73 -13.95
C PHE C 118 -6.48 28.75 -14.99
N PRO C 119 -6.91 29.96 -15.38
CA PRO C 119 -7.95 30.15 -16.40
C PRO C 119 -7.36 29.86 -17.76
N PRO C 120 -8.20 29.60 -18.75
CA PRO C 120 -7.71 29.49 -20.12
C PRO C 120 -7.13 30.82 -20.66
N SER C 121 -6.16 30.75 -21.57
CA SER C 121 -5.58 31.95 -22.13
C SER C 121 -6.45 32.44 -23.29
N ASP C 122 -6.41 33.74 -23.56
CA ASP C 122 -7.10 34.30 -24.72
C ASP C 122 -6.60 33.64 -26.00
N GLU C 123 -5.29 33.35 -26.04
CA GLU C 123 -4.65 32.68 -27.19
CA GLU C 123 -4.66 32.69 -27.19
C GLU C 123 -5.39 31.37 -27.56
N GLN C 124 -5.65 30.54 -26.56
CA GLN C 124 -6.33 29.28 -26.81
C GLN C 124 -7.80 29.46 -27.24
N LEU C 125 -8.52 30.41 -26.62
CA LEU C 125 -9.95 30.61 -26.92
C LEU C 125 -10.26 30.80 -28.41
N LYS C 126 -9.30 31.39 -29.13
CA LYS C 126 -9.38 31.50 -30.58
C LYS C 126 -9.57 30.13 -31.26
N SER C 127 -9.18 29.06 -30.58
CA SER C 127 -9.24 27.71 -31.15
C SER C 127 -10.62 27.08 -30.97
N GLY C 128 -11.43 27.64 -30.07
CA GLY C 128 -12.77 27.12 -29.85
C GLY C 128 -12.82 26.18 -28.67
N THR C 129 -11.72 26.13 -27.92
CA THR C 129 -11.62 25.26 -26.77
C THR C 129 -11.02 26.05 -25.61
N ALA C 130 -11.52 25.79 -24.40
CA ALA C 130 -10.97 26.35 -23.17
C ALA C 130 -10.44 25.24 -22.26
N SER C 131 -9.16 25.31 -21.89
CA SER C 131 -8.60 24.39 -20.89
C SER C 131 -8.46 25.10 -19.55
N VAL C 132 -9.06 24.56 -18.52
CA VAL C 132 -8.90 25.11 -17.18
C VAL C 132 -8.10 24.12 -16.36
N VAL C 133 -7.09 24.62 -15.66
CA VAL C 133 -6.14 23.72 -15.02
C VAL C 133 -6.09 23.98 -13.54
N CYS C 134 -6.08 22.90 -12.79
CA CYS C 134 -5.90 22.99 -11.36
C CYS C 134 -4.63 22.24 -10.95
N LEU C 135 -3.74 22.93 -10.22
CA LEU C 135 -2.52 22.30 -9.72
C LEU C 135 -2.62 21.95 -8.24
N LEU C 136 -2.32 20.71 -7.89
CA LEU C 136 -2.09 20.29 -6.51
C LEU C 136 -0.60 20.01 -6.37
N ASN C 137 0.08 20.83 -5.59
CA ASN C 137 1.53 20.77 -5.56
C ASN C 137 2.09 20.17 -4.29
N ASN C 138 3.05 19.26 -4.46
CA ASN C 138 3.87 18.75 -3.36
C ASN C 138 3.12 18.17 -2.16
N PHE C 139 2.41 17.07 -2.36
CA PHE C 139 1.59 16.50 -1.29
C PHE C 139 1.87 15.01 -1.07
N TYR C 140 1.37 14.49 0.04
CA TYR C 140 1.54 13.08 0.37
C TYR C 140 0.48 12.69 1.39
N PRO C 141 -0.16 11.52 1.20
CA PRO C 141 0.16 10.56 0.14
C PRO C 141 -0.54 10.88 -1.17
N ARG C 142 -0.52 9.92 -2.09
CA ARG C 142 -0.86 10.16 -3.49
C ARG C 142 -2.36 10.37 -3.73
N GLU C 143 -3.20 9.82 -2.87
CA GLU C 143 -4.64 9.92 -3.08
C GLU C 143 -5.21 11.31 -2.81
N ALA C 144 -5.98 11.80 -3.78
CA ALA C 144 -6.56 13.15 -3.74
C ALA C 144 -7.71 13.21 -4.72
N LYS C 145 -8.78 13.90 -4.32
CA LYS C 145 -9.91 14.13 -5.20
C LYS C 145 -9.99 15.60 -5.63
N VAL C 146 -10.08 15.83 -6.93
CA VAL C 146 -10.36 17.15 -7.44
C VAL C 146 -11.76 17.15 -8.01
N GLN C 147 -12.57 18.13 -7.62
CA GLN C 147 -13.90 18.32 -8.20
C GLN C 147 -14.01 19.70 -8.83
N TRP C 148 -14.47 19.74 -10.07
CA TRP C 148 -14.72 20.97 -10.79
C TRP C 148 -16.18 21.40 -10.66
N LYS C 149 -16.38 22.70 -10.43
CA LYS C 149 -17.70 23.30 -10.41
C LYS C 149 -17.74 24.50 -11.35
N VAL C 150 -18.73 24.54 -12.22
CA VAL C 150 -18.92 25.67 -13.13
C VAL C 150 -20.28 26.29 -12.80
N ASP C 151 -20.27 27.52 -12.31
CA ASP C 151 -21.48 28.14 -11.77
C ASP C 151 -22.18 27.17 -10.84
N ASN C 152 -21.40 26.59 -9.93
CA ASN C 152 -21.90 25.61 -8.96
C ASN C 152 -22.37 24.22 -9.47
N ALA C 153 -22.30 23.97 -10.77
CA ALA C 153 -22.62 22.63 -11.28
C ALA C 153 -21.39 21.73 -11.29
N LEU C 154 -21.56 20.50 -10.81
CA LEU C 154 -20.44 19.57 -10.69
C LEU C 154 -20.11 18.95 -12.05
N GLN C 155 -18.90 19.21 -12.54
CA GLN C 155 -18.49 18.69 -13.85
C GLN C 155 -18.16 17.22 -13.76
N SER C 156 -18.54 16.47 -14.80
CA SER C 156 -18.28 15.05 -14.82
C SER C 156 -18.08 14.57 -16.25
N GLY C 157 -16.93 13.97 -16.50
CA GLY C 157 -16.60 13.40 -17.80
C GLY C 157 -15.75 14.30 -18.69
N ASN C 158 -15.41 15.49 -18.22
CA ASN C 158 -14.68 16.47 -19.04
C ASN C 158 -13.35 16.93 -18.42
N SER C 159 -12.83 16.13 -17.51
CA SER C 159 -11.53 16.41 -16.94
C SER C 159 -10.58 15.21 -17.00
N GLN C 160 -9.28 15.47 -16.95
CA GLN C 160 -8.27 14.42 -16.96
C GLN C 160 -7.17 14.83 -15.98
N GLU C 161 -6.74 13.87 -15.16
CA GLU C 161 -5.68 14.10 -14.19
C GLU C 161 -4.36 13.52 -14.66
N SER C 162 -3.27 14.14 -14.22
CA SER C 162 -1.93 13.58 -14.38
C SER C 162 -1.17 13.75 -13.07
N VAL C 163 -0.44 12.72 -12.67
CA VAL C 163 0.30 12.71 -11.42
C VAL C 163 1.76 12.44 -11.70
N THR C 164 2.64 13.19 -11.05
CA THR C 164 4.08 12.96 -11.17
C THR C 164 4.46 11.76 -10.30
N GLU C 165 5.64 11.21 -10.54
CA GLU C 165 6.23 10.24 -9.64
C GLU C 165 6.79 10.95 -8.41
N GLN C 166 7.16 10.20 -7.39
CA GLN C 166 7.73 10.79 -6.18
C GLN C 166 8.94 11.67 -6.46
N ASP C 167 8.99 12.84 -5.84
CA ASP C 167 10.14 13.72 -6.00
C ASP C 167 11.33 13.12 -5.27
N SER C 168 12.50 13.12 -5.91
CA SER C 168 13.68 12.45 -5.35
C SER C 168 14.19 13.09 -4.07
N LYS C 169 13.77 14.34 -3.84
CA LYS C 169 14.29 15.09 -2.70
C LYS C 169 13.33 15.12 -1.51
N ASP C 170 12.05 15.42 -1.74
CA ASP C 170 11.08 15.49 -0.65
C ASP C 170 10.03 14.38 -0.67
N SER C 171 10.17 13.47 -1.62
CA SER C 171 9.28 12.30 -1.72
C SER C 171 7.77 12.61 -1.94
N THR C 172 7.43 13.85 -2.27
CA THR C 172 6.04 14.22 -2.54
C THR C 172 5.55 13.95 -3.96
N TYR C 173 4.23 14.01 -4.14
CA TYR C 173 3.63 13.97 -5.47
C TYR C 173 3.10 15.35 -5.87
N SER C 174 2.92 15.56 -7.16
CA SER C 174 2.16 16.70 -7.63
C SER C 174 1.11 16.22 -8.63
N LEU C 175 0.05 17.00 -8.81
CA LEU C 175 -1.06 16.60 -9.67
C LEU C 175 -1.64 17.78 -10.46
N SER C 176 -1.97 17.54 -11.71
CA SER C 176 -2.72 18.50 -12.52
C SER C 176 -4.04 17.90 -12.94
N SER C 177 -5.13 18.61 -12.67
CA SER C 177 -6.40 18.27 -13.28
C SER C 177 -6.69 19.28 -14.37
N THR C 178 -7.02 18.78 -15.55
CA THR C 178 -7.36 19.64 -16.67
C THR C 178 -8.84 19.48 -17.04
N LEU C 179 -9.59 20.59 -16.93
CA LEU C 179 -11.00 20.66 -17.36
C LEU C 179 -11.12 21.19 -18.79
N THR C 180 -11.75 20.44 -19.68
CA THR C 180 -11.86 20.85 -21.08
C THR C 180 -13.28 21.24 -21.48
N LEU C 181 -13.45 22.50 -21.88
CA LEU C 181 -14.77 23.00 -22.29
C LEU C 181 -14.68 23.61 -23.67
N SER C 182 -15.81 23.62 -24.37
CA SER C 182 -15.91 24.37 -25.62
C SER C 182 -15.87 25.85 -25.25
N LYS C 183 -15.33 26.68 -26.13
CA LYS C 183 -15.35 28.11 -25.90
C LYS C 183 -16.75 28.66 -25.57
N ALA C 184 -17.76 28.15 -26.27
CA ALA C 184 -19.14 28.57 -26.04
C ALA C 184 -19.61 28.30 -24.60
N ASP C 185 -19.44 27.05 -24.14
CA ASP C 185 -19.83 26.71 -22.78
CA ASP C 185 -19.78 26.68 -22.76
C ASP C 185 -19.06 27.60 -21.79
N TYR C 186 -17.78 27.84 -22.07
CA TYR C 186 -16.96 28.67 -21.20
C TYR C 186 -17.46 30.12 -21.12
N GLU C 187 -17.78 30.71 -22.25
CA GLU C 187 -18.26 32.09 -22.28
C GLU C 187 -19.67 32.22 -21.68
N LYS C 188 -20.33 31.07 -21.54
CA LYS C 188 -21.71 31.04 -21.07
C LYS C 188 -21.78 31.04 -19.53
N HIS C 189 -20.63 30.93 -18.87
CA HIS C 189 -20.56 30.75 -17.43
C HIS C 189 -19.57 31.65 -16.72
N LYS C 190 -19.70 31.76 -15.43
CA LYS C 190 -19.01 32.80 -14.67
C LYS C 190 -18.01 32.24 -13.65
N VAL C 191 -18.49 31.48 -12.69
CA VAL C 191 -17.64 31.02 -11.60
C VAL C 191 -17.01 29.68 -11.89
N TYR C 192 -15.69 29.67 -11.92
CA TYR C 192 -14.94 28.46 -12.19
C TYR C 192 -14.12 28.10 -10.97
N ALA C 193 -14.29 26.88 -10.47
CA ALA C 193 -13.68 26.47 -9.22
C ALA C 193 -13.20 25.01 -9.21
N CYS C 194 -12.12 24.76 -8.49
CA CYS C 194 -11.79 23.40 -8.21
C CYS C 194 -11.63 23.26 -6.71
N GLU C 195 -12.16 22.16 -6.22
CA GLU C 195 -12.22 21.88 -4.82
C GLU C 195 -11.39 20.64 -4.56
N VAL C 196 -10.45 20.75 -3.63
CA VAL C 196 -9.50 19.70 -3.40
C VAL C 196 -9.74 19.07 -2.05
N THR C 197 -9.85 17.75 -2.06
CA THR C 197 -10.04 16.94 -0.86
C THR C 197 -8.83 16.04 -0.70
N HIS C 198 -8.18 16.08 0.47
CA HIS C 198 -6.96 15.30 0.69
C HIS C 198 -6.73 15.03 2.16
N GLN C 199 -6.15 13.86 2.46
CA GLN C 199 -5.86 13.47 3.84
C GLN C 199 -5.14 14.53 4.70
N GLY C 200 -4.39 15.41 4.06
CA GLY C 200 -3.63 16.43 4.77
C GLY C 200 -4.41 17.70 5.09
N LEU C 201 -5.62 17.78 4.55
CA LEU C 201 -6.48 18.95 4.76
C LEU C 201 -7.61 18.61 5.74
N SER C 202 -7.93 19.56 6.63
CA SER C 202 -8.98 19.30 7.61
C SER C 202 -10.35 19.40 6.94
N SER C 203 -10.51 20.41 6.09
CA SER C 203 -11.68 20.54 5.26
C SER C 203 -11.21 20.91 3.85
N PRO C 204 -12.05 20.67 2.83
CA PRO C 204 -11.57 20.84 1.45
C PRO C 204 -11.19 22.28 1.11
N VAL C 205 -10.24 22.41 0.20
CA VAL C 205 -9.75 23.71 -0.22
C VAL C 205 -10.29 24.05 -1.62
N THR C 206 -10.84 25.24 -1.78
CA THR C 206 -11.33 25.66 -3.09
C THR C 206 -10.59 26.87 -3.64
N LYS C 207 -10.13 26.75 -4.87
CA LYS C 207 -9.59 27.89 -5.59
C LYS C 207 -10.50 28.18 -6.76
N SER C 208 -10.81 29.44 -6.98
CA SER C 208 -11.72 29.81 -8.07
C SER C 208 -11.42 31.15 -8.72
N PHE C 209 -11.97 31.37 -9.90
CA PHE C 209 -11.87 32.66 -10.54
C PHE C 209 -13.17 32.97 -11.24
N ASN C 210 -13.40 34.25 -11.52
CA ASN C 210 -14.52 34.69 -12.34
C ASN C 210 -14.03 35.04 -13.74
N ARG C 211 -14.60 34.40 -14.76
CA ARG C 211 -14.30 34.74 -16.14
C ARG C 211 -14.54 36.23 -16.35
N GLY C 212 -13.52 36.91 -16.86
CA GLY C 212 -13.58 38.35 -17.02
C GLY C 212 -12.74 39.06 -15.98
N ALA C 213 -13.11 38.92 -14.72
CA ALA C 213 -12.43 39.61 -13.63
C ALA C 213 -10.96 39.22 -13.59
N PCA D 1 35.06 10.06 -21.49
CA PCA D 1 33.74 9.63 -21.05
CB PCA D 1 32.84 10.82 -20.74
CG PCA D 1 33.55 12.04 -21.30
CD PCA D 1 34.92 11.52 -21.65
OE PCA D 1 35.83 12.25 -22.01
C PCA D 1 33.06 8.79 -22.11
O PCA D 1 32.79 9.26 -23.21
N VAL D 2 32.78 7.53 -21.76
CA VAL D 2 31.99 6.65 -22.62
C VAL D 2 30.55 7.16 -22.73
N GLN D 3 30.09 7.33 -23.98
CA GLN D 3 28.73 7.80 -24.23
C GLN D 3 28.08 7.15 -25.44
N LEU D 4 26.79 6.86 -25.33
CA LEU D 4 26.01 6.40 -26.47
C LEU D 4 24.85 7.37 -26.65
N LYS D 5 24.68 7.86 -27.87
CA LYS D 5 23.65 8.84 -28.18
C LYS D 5 22.85 8.37 -29.38
N GLN D 6 21.57 8.14 -29.18
CA GLN D 6 20.74 7.61 -30.25
C GLN D 6 20.02 8.71 -31.02
N SER D 7 19.58 8.38 -32.23
CA SER D 7 18.77 9.29 -33.03
C SER D 7 17.44 9.55 -32.33
N GLY D 8 16.72 10.59 -32.77
CA GLY D 8 15.53 11.06 -32.08
C GLY D 8 14.31 10.15 -32.09
N PRO D 9 13.25 10.56 -31.34
CA PRO D 9 11.99 9.82 -31.23
C PRO D 9 11.21 9.79 -32.55
N GLY D 10 10.60 8.64 -32.83
CA GLY D 10 10.00 8.39 -34.12
C GLY D 10 8.63 7.76 -34.14
N LEU D 11 7.90 8.07 -35.20
CA LEU D 11 6.63 7.46 -35.51
C LEU D 11 6.81 6.48 -36.67
N VAL D 12 6.28 5.27 -36.52
CA VAL D 12 6.38 4.25 -37.57
C VAL D 12 4.99 3.71 -37.92
N GLN D 13 4.67 3.64 -39.19
CA GLN D 13 3.39 3.09 -39.59
C GLN D 13 3.42 1.57 -39.49
N PRO D 14 2.30 0.97 -39.05
CA PRO D 14 2.19 -0.49 -38.94
C PRO D 14 2.65 -1.20 -40.22
N SER D 15 3.35 -2.31 -40.04
CA SER D 15 3.93 -3.09 -41.15
C SER D 15 5.13 -2.40 -41.81
N GLN D 16 5.58 -1.28 -41.25
CA GLN D 16 6.76 -0.59 -41.80
C GLN D 16 8.01 -0.76 -40.90
N SER D 17 9.16 -0.29 -41.37
CA SER D 17 10.39 -0.58 -40.66
C SER D 17 10.84 0.58 -39.77
N LEU D 18 11.65 0.22 -38.78
CA LEU D 18 12.17 1.12 -37.76
C LEU D 18 13.68 1.21 -37.93
N SER D 19 14.21 2.44 -37.92
CA SER D 19 15.64 2.63 -38.03
C SER D 19 16.13 3.60 -36.97
N ILE D 20 17.04 3.11 -36.14
CA ILE D 20 17.66 3.93 -35.09
C ILE D 20 19.17 3.94 -35.30
N THR D 21 19.79 5.10 -35.09
CA THR D 21 21.24 5.16 -35.16
C THR D 21 21.82 5.38 -33.78
N CYS D 22 22.82 4.57 -33.43
CA CYS D 22 23.55 4.71 -32.18
C CYS D 22 24.96 5.27 -32.46
N THR D 23 25.22 6.49 -32.00
CA THR D 23 26.53 7.10 -32.17
C THR D 23 27.31 7.00 -30.86
N VAL D 24 28.52 6.45 -30.91
CA VAL D 24 29.30 6.22 -29.68
C VAL D 24 30.55 7.08 -29.64
N SER D 25 30.98 7.40 -28.42
CA SER D 25 32.22 8.14 -28.19
C SER D 25 32.81 7.68 -26.86
N GLY D 26 34.12 7.87 -26.69
CA GLY D 26 34.80 7.42 -25.48
C GLY D 26 35.35 6.01 -25.58
N PHE D 27 35.10 5.36 -26.72
CA PHE D 27 35.64 4.03 -26.99
C PHE D 27 35.45 3.71 -28.46
N SER D 28 36.17 2.70 -28.93
CA SER D 28 36.12 2.34 -30.35
C SER D 28 35.16 1.17 -30.56
N LEU D 29 34.44 1.18 -31.67
CA LEU D 29 33.54 0.08 -31.99
C LEU D 29 34.33 -1.17 -32.37
N THR D 30 35.64 -1.03 -32.58
CA THR D 30 36.48 -2.20 -32.86
C THR D 30 36.84 -2.97 -31.58
N ASN D 31 36.46 -2.41 -30.43
CA ASN D 31 36.85 -2.98 -29.13
C ASN D 31 35.71 -3.46 -28.23
N TYR D 32 34.47 -3.16 -28.57
CA TYR D 32 33.32 -3.53 -27.73
C TYR D 32 32.10 -3.91 -28.57
N GLY D 33 31.34 -4.89 -28.13
CA GLY D 33 30.10 -5.18 -28.81
C GLY D 33 29.10 -4.08 -28.49
N VAL D 34 28.12 -3.86 -29.37
CA VAL D 34 27.00 -3.01 -29.00
C VAL D 34 25.68 -3.78 -29.07
N HIS D 35 24.92 -3.71 -27.99
CA HIS D 35 23.70 -4.49 -27.81
C HIS D 35 22.49 -3.59 -27.94
N TRP D 36 21.34 -4.21 -28.19
CA TRP D 36 20.09 -3.49 -28.24
C TRP D 36 19.06 -4.16 -27.32
N VAL D 37 18.46 -3.34 -26.48
CA VAL D 37 17.46 -3.79 -25.52
C VAL D 37 16.28 -2.84 -25.64
N ARG D 38 15.07 -3.39 -25.70
CA ARG D 38 13.90 -2.53 -25.62
C ARG D 38 13.14 -2.67 -24.30
N GLN D 39 12.24 -1.73 -24.04
CA GLN D 39 11.44 -1.77 -22.83
C GLN D 39 10.01 -1.38 -23.21
N SER D 40 9.09 -2.33 -23.10
CA SER D 40 7.73 -2.11 -23.54
C SER D 40 6.78 -2.40 -22.38
N PRO D 41 5.53 -1.92 -22.48
CA PRO D 41 4.56 -2.24 -21.42
C PRO D 41 4.26 -3.75 -21.39
N GLY D 42 4.14 -4.35 -22.58
CA GLY D 42 3.82 -5.75 -22.71
C GLY D 42 4.83 -6.73 -22.13
N LYS D 43 6.11 -6.55 -22.43
CA LYS D 43 7.11 -7.55 -22.10
C LYS D 43 8.27 -7.02 -21.25
N GLY D 44 8.21 -5.76 -20.84
CA GLY D 44 9.25 -5.18 -20.03
C GLY D 44 10.57 -5.03 -20.79
N LEU D 45 11.69 -5.24 -20.09
CA LEU D 45 13.00 -5.20 -20.72
C LEU D 45 13.31 -6.50 -21.49
N GLU D 46 13.62 -6.35 -22.78
CA GLU D 46 13.94 -7.45 -23.69
C GLU D 46 15.26 -7.25 -24.40
N TRP D 47 16.18 -8.19 -24.28
CA TRP D 47 17.41 -8.16 -25.08
C TRP D 47 17.05 -8.52 -26.52
N LEU D 48 17.46 -7.69 -27.46
CA LEU D 48 17.07 -7.87 -28.85
C LEU D 48 18.20 -8.47 -29.69
N GLY D 49 19.39 -7.91 -29.53
CA GLY D 49 20.52 -8.32 -30.35
C GLY D 49 21.82 -7.66 -30.01
N VAL D 50 22.85 -7.98 -30.78
CA VAL D 50 24.19 -7.45 -30.55
C VAL D 50 25.01 -7.51 -31.83
N ILE D 51 25.87 -6.52 -32.04
CA ILE D 51 26.92 -6.61 -33.04
C ILE D 51 28.28 -6.54 -32.35
N TRP D 52 29.11 -7.55 -32.59
CA TRP D 52 30.37 -7.70 -31.86
C TRP D 52 31.49 -6.87 -32.45
N SER D 53 32.58 -6.75 -31.71
CA SER D 53 33.77 -6.03 -32.17
C SER D 53 34.10 -6.29 -33.64
N GLY D 54 34.10 -7.56 -34.02
CA GLY D 54 34.55 -7.96 -35.35
C GLY D 54 33.46 -8.03 -36.41
N GLY D 55 32.26 -7.55 -36.08
CA GLY D 55 31.20 -7.49 -37.06
C GLY D 55 30.14 -8.57 -37.01
N ASN D 56 30.42 -9.70 -36.34
CA ASN D 56 29.40 -10.75 -36.19
C ASN D 56 28.14 -10.22 -35.47
N THR D 57 26.99 -10.78 -35.79
CA THR D 57 25.75 -10.41 -35.12
C THR D 57 25.00 -11.60 -34.53
N ASP D 58 24.38 -11.38 -33.37
CA ASP D 58 23.45 -12.35 -32.79
C ASP D 58 22.12 -11.67 -32.50
N TYR D 59 21.03 -12.33 -32.88
CA TYR D 59 19.70 -11.80 -32.62
C TYR D 59 18.90 -12.76 -31.76
N ASN D 60 18.14 -12.20 -30.82
CA ASN D 60 17.25 -12.98 -29.99
C ASN D 60 16.24 -13.69 -30.91
N THR D 61 15.93 -14.95 -30.60
CA THR D 61 15.15 -15.80 -31.49
C THR D 61 13.87 -15.20 -32.11
N PRO D 62 13.02 -14.53 -31.29
CA PRO D 62 11.82 -13.94 -31.90
C PRO D 62 12.07 -12.85 -32.94
N PHE D 63 13.29 -12.37 -33.09
CA PHE D 63 13.56 -11.24 -33.96
C PHE D 63 14.50 -11.56 -35.13
N THR D 64 15.00 -12.79 -35.18
CA THR D 64 16.00 -13.18 -36.17
C THR D 64 15.61 -12.76 -37.60
N SER D 65 14.34 -12.95 -37.92
CA SER D 65 13.86 -12.70 -39.28
C SER D 65 13.56 -11.23 -39.58
N ARG D 66 13.27 -10.42 -38.56
CA ARG D 66 12.94 -9.03 -38.82
C ARG D 66 13.98 -8.03 -38.34
N LEU D 67 15.02 -8.51 -37.68
CA LEU D 67 16.03 -7.61 -37.12
C LEU D 67 17.36 -7.64 -37.89
N SER D 68 18.03 -6.50 -37.94
CA SER D 68 19.29 -6.35 -38.65
C SER D 68 20.14 -5.22 -38.07
N ILE D 69 21.35 -5.56 -37.63
CA ILE D 69 22.25 -4.59 -37.03
C ILE D 69 23.55 -4.46 -37.80
N ASN D 70 23.89 -3.24 -38.23
CA ASN D 70 25.14 -2.94 -38.94
C ASN D 70 25.97 -1.91 -38.20
N LYS D 71 27.14 -1.58 -38.74
CA LYS D 71 27.94 -0.52 -38.16
C LYS D 71 28.97 0.07 -39.12
N ASP D 72 29.46 1.25 -38.77
CA ASP D 72 30.54 1.89 -39.48
C ASP D 72 31.58 2.26 -38.43
N ASN D 73 32.62 1.42 -38.31
CA ASN D 73 33.63 1.64 -37.28
C ASN D 73 34.25 3.04 -37.32
N SER D 74 34.48 3.56 -38.52
CA SER D 74 35.18 4.84 -38.67
C SER D 74 34.30 6.02 -38.26
N LYS D 75 33.00 5.90 -38.48
CA LYS D 75 32.07 6.95 -38.07
C LYS D 75 31.53 6.72 -36.65
N SER D 76 31.86 5.58 -36.06
CA SER D 76 31.43 5.23 -34.70
C SER D 76 29.92 5.12 -34.57
N GLN D 77 29.28 4.63 -35.62
CA GLN D 77 27.83 4.52 -35.63
C GLN D 77 27.33 3.09 -35.67
N VAL D 78 26.29 2.79 -34.90
CA VAL D 78 25.62 1.50 -35.01
C VAL D 78 24.20 1.66 -35.53
N PHE D 79 23.86 0.83 -36.53
CA PHE D 79 22.60 0.92 -37.25
C PHE D 79 21.62 -0.23 -36.93
N PHE D 80 20.51 0.11 -36.29
CA PHE D 80 19.51 -0.84 -35.87
C PHE D 80 18.32 -0.74 -36.83
N LYS D 81 17.89 -1.86 -37.36
CA LYS D 81 16.73 -1.86 -38.24
C LYS D 81 15.84 -3.07 -38.04
N MET D 82 14.61 -2.82 -37.59
CA MET D 82 13.64 -3.88 -37.37
CA MET D 82 13.64 -3.88 -37.37
C MET D 82 12.48 -3.74 -38.36
N ASN D 83 12.07 -4.85 -38.94
CA ASN D 83 11.03 -4.82 -39.97
C ASN D 83 9.63 -5.18 -39.49
N SER D 84 8.64 -4.74 -40.26
CA SER D 84 7.26 -5.12 -40.03
C SER D 84 6.83 -4.89 -38.59
N LEU D 85 6.83 -3.63 -38.16
CA LEU D 85 6.41 -3.30 -36.81
C LEU D 85 4.91 -3.41 -36.67
N GLN D 86 4.48 -3.87 -35.49
CA GLN D 86 3.07 -3.87 -35.14
C GLN D 86 2.93 -3.00 -33.91
N SER D 87 1.68 -2.69 -33.54
CA SER D 87 1.44 -1.73 -32.46
C SER D 87 2.14 -2.09 -31.15
N ASN D 88 2.21 -3.37 -30.80
CA ASN D 88 2.92 -3.74 -29.58
C ASN D 88 4.45 -3.78 -29.73
N ASP D 89 4.95 -3.13 -30.78
CA ASP D 89 6.38 -2.92 -30.91
C ASP D 89 6.66 -1.50 -30.43
N THR D 90 5.59 -0.85 -29.99
CA THR D 90 5.70 0.46 -29.38
C THR D 90 6.49 0.31 -28.09
N ALA D 91 7.65 0.96 -28.03
CA ALA D 91 8.53 0.84 -26.86
C ALA D 91 9.66 1.87 -26.90
N ILE D 92 10.44 1.92 -25.82
CA ILE D 92 11.73 2.61 -25.83
C ILE D 92 12.79 1.61 -26.26
N TYR D 93 13.65 2.03 -27.19
CA TYR D 93 14.74 1.21 -27.69
C TYR D 93 16.06 1.83 -27.29
N TYR D 94 16.90 1.03 -26.62
CA TYR D 94 18.21 1.48 -26.16
C TYR D 94 19.32 0.75 -26.89
N CYS D 95 20.41 1.46 -27.14
CA CYS D 95 21.66 0.77 -27.41
C CYS D 95 22.44 0.71 -26.09
N ALA D 96 23.38 -0.21 -25.97
CA ALA D 96 24.06 -0.43 -24.69
C ALA D 96 25.44 -1.02 -24.91
N ARG D 97 26.31 -0.86 -23.92
CA ARG D 97 27.67 -1.41 -23.96
C ARG D 97 27.99 -2.08 -22.64
N ALA D 98 28.73 -3.18 -22.70
CA ALA D 98 29.09 -3.91 -21.50
C ALA D 98 30.42 -3.43 -20.91
N LEU D 99 30.75 -3.90 -19.72
CA LEU D 99 32.02 -3.52 -19.10
C LEU D 99 33.19 -4.06 -19.90
N THR D 100 33.05 -5.29 -20.38
CA THR D 100 34.09 -5.93 -21.18
C THR D 100 33.59 -6.20 -22.59
N TYR D 101 34.52 -6.42 -23.51
CA TYR D 101 34.19 -6.60 -24.92
C TYR D 101 33.24 -7.77 -25.21
N TYR D 102 33.31 -8.81 -24.39
CA TYR D 102 32.62 -10.08 -24.62
C TYR D 102 31.38 -10.31 -23.75
N ASP D 103 31.16 -9.47 -22.73
CA ASP D 103 30.15 -9.76 -21.70
C ASP D 103 28.79 -9.05 -21.90
N TYR D 104 27.91 -9.19 -20.90
CA TYR D 104 26.53 -8.74 -21.03
C TYR D 104 26.08 -7.87 -19.86
N GLU D 105 27.02 -7.46 -19.01
CA GLU D 105 26.62 -6.56 -17.91
C GLU D 105 26.67 -5.12 -18.43
N PHE D 106 25.49 -4.52 -18.56
CA PHE D 106 25.35 -3.26 -19.29
C PHE D 106 25.59 -2.01 -18.43
N ALA D 107 26.81 -1.49 -18.52
CA ALA D 107 27.25 -0.35 -17.72
C ALA D 107 26.92 0.97 -18.40
N TYR D 108 26.77 0.95 -19.72
CA TYR D 108 26.57 2.19 -20.47
C TYR D 108 25.40 2.02 -21.41
N TRP D 109 24.52 3.02 -21.42
CA TRP D 109 23.29 2.96 -22.20
C TRP D 109 23.08 4.25 -23.01
N GLY D 110 22.40 4.12 -24.15
CA GLY D 110 21.90 5.28 -24.87
C GLY D 110 20.78 5.92 -24.04
N GLN D 111 20.32 7.10 -24.45
CA GLN D 111 19.28 7.79 -23.70
C GLN D 111 17.93 7.18 -24.02
N GLY D 112 17.90 6.39 -25.09
CA GLY D 112 16.68 5.73 -25.50
C GLY D 112 15.94 6.45 -26.62
N THR D 113 15.19 5.68 -27.40
CA THR D 113 14.41 6.23 -28.49
C THR D 113 13.00 5.69 -28.35
N LEU D 114 12.05 6.58 -28.10
CA LEU D 114 10.67 6.15 -27.97
C LEU D 114 10.09 5.97 -29.36
N VAL D 115 9.55 4.80 -29.62
CA VAL D 115 9.00 4.48 -30.93
C VAL D 115 7.51 4.19 -30.84
N THR D 116 6.73 4.89 -31.63
CA THR D 116 5.29 4.66 -31.63
C THR D 116 4.87 4.09 -32.96
N VAL D 117 4.21 2.94 -32.90
CA VAL D 117 3.63 2.33 -34.08
C VAL D 117 2.17 2.75 -34.19
N SER D 118 1.86 3.50 -35.24
CA SER D 118 0.52 4.07 -35.43
C SER D 118 0.34 4.54 -36.88
N ALA D 119 -0.89 4.47 -37.36
CA ALA D 119 -1.22 4.97 -38.69
C ALA D 119 -1.47 6.49 -38.69
N ALA D 120 -1.73 7.01 -37.49
CA ALA D 120 -1.99 8.43 -37.28
C ALA D 120 -0.78 9.27 -37.69
N SER D 121 -1.01 10.55 -37.95
CA SER D 121 0.06 11.40 -38.46
C SER D 121 0.64 12.34 -37.40
N THR D 122 1.83 12.85 -37.69
CA THR D 122 2.54 13.73 -36.77
C THR D 122 1.82 15.07 -36.66
N LYS D 123 1.76 15.61 -35.44
CA LYS D 123 1.17 16.91 -35.21
C LYS D 123 1.87 17.68 -34.11
N GLY D 124 2.34 18.87 -34.46
CA GLY D 124 2.98 19.75 -33.51
C GLY D 124 1.96 20.24 -32.50
N PRO D 125 2.42 20.52 -31.29
CA PRO D 125 1.57 20.99 -30.20
C PRO D 125 1.34 22.48 -30.30
N SER D 126 0.36 22.99 -29.54
CA SER D 126 0.18 24.42 -29.35
C SER D 126 0.51 24.67 -27.89
N VAL D 127 1.18 25.78 -27.61
CA VAL D 127 1.66 26.05 -26.27
C VAL D 127 0.94 27.26 -25.69
N PHE D 128 0.25 27.06 -24.57
CA PHE D 128 -0.53 28.12 -23.94
C PHE D 128 0.00 28.36 -22.54
N PRO D 129 -0.06 29.62 -22.06
CA PRO D 129 0.48 29.92 -20.73
C PRO D 129 -0.47 29.52 -19.62
N LEU D 130 0.12 29.18 -18.48
CA LEU D 130 -0.62 28.99 -17.24
C LEU D 130 -0.17 30.11 -16.31
N ALA D 131 -0.97 31.16 -16.28
CA ALA D 131 -0.56 32.40 -15.65
C ALA D 131 -1.17 32.61 -14.26
N PRO D 132 -0.33 33.01 -13.29
CA PRO D 132 -0.65 33.32 -11.90
C PRO D 132 -1.22 34.72 -11.75
N SER D 133 -1.69 35.08 -10.54
CA SER D 133 -2.15 36.44 -10.22
C SER D 133 -2.13 36.75 -8.71
N SER D 138 0.91 36.50 -2.13
CA SER D 138 0.19 36.11 -0.92
C SER D 138 0.78 34.83 -0.33
N GLY D 139 1.35 33.99 -1.20
CA GLY D 139 1.99 32.75 -0.80
C GLY D 139 3.24 32.81 0.10
N GLY D 140 4.23 33.68 -0.16
CA GLY D 140 4.28 34.55 -1.32
C GLY D 140 4.78 33.81 -2.54
N THR D 141 4.27 32.60 -2.72
CA THR D 141 4.63 31.72 -3.81
C THR D 141 3.61 31.81 -4.93
N ALA D 142 4.12 31.87 -6.15
CA ALA D 142 3.29 31.89 -7.34
C ALA D 142 3.58 30.63 -8.12
N ALA D 143 2.55 30.07 -8.71
CA ALA D 143 2.71 28.96 -9.63
C ALA D 143 2.49 29.49 -11.03
N LEU D 144 3.21 28.96 -11.99
CA LEU D 144 2.98 29.33 -13.38
C LEU D 144 3.40 28.14 -14.22
N GLY D 145 3.03 28.14 -15.49
CA GLY D 145 3.31 26.97 -16.28
C GLY D 145 3.00 27.11 -17.76
N CYS D 146 3.20 25.99 -18.47
CA CYS D 146 2.93 25.90 -19.89
C CYS D 146 2.07 24.68 -20.22
N LEU D 147 0.93 24.93 -20.85
CA LEU D 147 0.05 23.86 -21.31
C LEU D 147 0.44 23.48 -22.73
N VAL D 148 0.87 22.24 -22.91
CA VAL D 148 1.38 21.78 -24.19
C VAL D 148 0.37 20.81 -24.79
N LYS D 149 -0.44 21.33 -25.71
CA LYS D 149 -1.68 20.66 -26.07
C LYS D 149 -1.70 20.14 -27.50
N ASP D 150 -2.30 18.97 -27.67
CA ASP D 150 -2.67 18.45 -28.98
C ASP D 150 -1.52 18.13 -29.89
N TYR D 151 -0.62 17.26 -29.44
CA TYR D 151 0.48 16.82 -30.30
C TYR D 151 0.51 15.31 -30.40
N PHE D 152 1.26 14.82 -31.37
CA PHE D 152 1.41 13.39 -31.59
C PHE D 152 2.58 13.17 -32.54
N PRO D 153 3.40 12.16 -32.24
CA PRO D 153 3.27 11.31 -31.06
C PRO D 153 4.09 11.89 -29.93
N GLU D 154 4.17 11.16 -28.83
CA GLU D 154 5.14 11.45 -27.79
C GLU D 154 6.55 11.26 -28.34
N PRO D 155 7.55 11.87 -27.68
CA PRO D 155 7.41 12.76 -26.52
C PRO D 155 7.69 14.19 -26.90
N VAL D 156 7.48 15.07 -25.92
CA VAL D 156 7.84 16.47 -26.06
CA VAL D 156 7.84 16.48 -26.03
C VAL D 156 8.80 16.76 -24.91
N THR D 157 9.78 17.64 -25.14
CA THR D 157 10.67 18.01 -24.04
C THR D 157 10.35 19.44 -23.60
N VAL D 158 10.27 19.62 -22.29
CA VAL D 158 10.12 20.96 -21.73
C VAL D 158 11.24 21.27 -20.74
N SER D 159 11.88 22.42 -20.91
CA SER D 159 12.75 22.97 -19.87
C SER D 159 12.34 24.40 -19.59
N TRP D 160 12.91 25.00 -18.56
CA TRP D 160 12.62 26.38 -18.19
C TRP D 160 13.89 27.21 -18.20
N ASN D 161 13.80 28.40 -18.80
CA ASN D 161 14.95 29.32 -18.92
C ASN D 161 16.20 28.60 -19.45
N SER D 162 16.02 27.83 -20.53
CA SER D 162 17.11 27.10 -21.18
C SER D 162 17.89 26.16 -20.25
N GLY D 163 17.20 25.58 -19.28
CA GLY D 163 17.82 24.65 -18.37
C GLY D 163 18.26 25.27 -17.05
N ALA D 164 18.40 26.59 -17.03
CA ALA D 164 18.88 27.30 -15.84
C ALA D 164 17.96 27.18 -14.63
N LEU D 165 16.66 27.07 -14.87
CA LEU D 165 15.67 26.95 -13.80
C LEU D 165 15.18 25.50 -13.71
N THR D 166 15.53 24.83 -12.61
CA THR D 166 15.14 23.44 -12.44
C THR D 166 14.42 23.21 -11.12
N SER D 167 14.71 24.08 -10.15
CA SER D 167 14.17 23.93 -8.82
C SER D 167 12.68 24.29 -8.78
N GLY D 168 11.86 23.32 -8.38
CA GLY D 168 10.44 23.53 -8.21
C GLY D 168 9.66 23.21 -9.47
N VAL D 169 10.37 22.78 -10.50
CA VAL D 169 9.74 22.42 -11.75
C VAL D 169 9.07 21.03 -11.69
N HIS D 170 7.83 20.95 -12.18
CA HIS D 170 7.16 19.65 -12.33
C HIS D 170 6.63 19.55 -13.75
N THR D 171 7.16 18.60 -14.50
CA THR D 171 6.62 18.36 -15.82
C THR D 171 5.77 17.09 -15.77
N PHE D 172 4.49 17.23 -16.04
CA PHE D 172 3.58 16.10 -15.86
C PHE D 172 3.68 15.03 -16.96
N PRO D 173 3.45 13.77 -16.60
CA PRO D 173 3.26 12.74 -17.63
C PRO D 173 2.17 13.18 -18.59
N ALA D 174 2.43 13.03 -19.88
CA ALA D 174 1.46 13.31 -20.92
C ALA D 174 0.24 12.38 -20.75
N VAL D 175 -0.95 12.89 -21.03
CA VAL D 175 -2.13 12.05 -21.09
C VAL D 175 -2.67 11.98 -22.51
N LEU D 176 -3.21 10.84 -22.87
CA LEU D 176 -3.85 10.73 -24.17
C LEU D 176 -5.26 11.29 -24.08
N GLN D 177 -5.60 12.25 -24.95
CA GLN D 177 -6.95 12.81 -24.94
C GLN D 177 -7.85 11.94 -25.82
N SER D 178 -9.16 12.08 -25.67
CA SER D 178 -10.10 11.26 -26.44
C SER D 178 -9.98 11.50 -27.94
N SER D 179 -9.34 12.61 -28.32
CA SER D 179 -9.06 12.94 -29.72
C SER D 179 -7.92 12.10 -30.30
N GLY D 180 -7.19 11.41 -29.42
CA GLY D 180 -6.02 10.64 -29.84
C GLY D 180 -4.76 11.49 -29.88
N LEU D 181 -4.87 12.72 -29.42
CA LEU D 181 -3.71 13.59 -29.35
C LEU D 181 -3.27 13.71 -27.90
N TYR D 182 -1.96 13.84 -27.70
CA TYR D 182 -1.42 13.99 -26.35
C TYR D 182 -1.48 15.44 -25.83
N SER D 183 -1.33 15.57 -24.52
CA SER D 183 -1.35 16.87 -23.88
C SER D 183 -0.66 16.81 -22.54
N LEU D 184 0.18 17.80 -22.24
CA LEU D 184 0.79 17.86 -20.93
C LEU D 184 0.98 19.29 -20.43
N SER D 185 1.16 19.42 -19.12
CA SER D 185 1.52 20.68 -18.51
C SER D 185 2.87 20.56 -17.81
N SER D 186 3.59 21.66 -17.78
CA SER D 186 4.80 21.79 -16.98
C SER D 186 4.64 23.06 -16.16
N VAL D 187 4.88 22.96 -14.84
CA VAL D 187 4.69 24.09 -13.93
C VAL D 187 5.93 24.36 -13.07
N VAL D 188 5.99 25.53 -12.46
CA VAL D 188 7.07 25.84 -11.53
C VAL D 188 6.55 26.83 -10.51
N THR D 189 6.99 26.68 -9.27
CA THR D 189 6.66 27.65 -8.26
C THR D 189 7.87 28.58 -8.07
N VAL D 190 7.57 29.87 -7.91
CA VAL D 190 8.58 30.91 -7.80
C VAL D 190 8.11 31.96 -6.80
N PRO D 191 9.03 32.78 -6.27
CA PRO D 191 8.57 33.82 -5.36
C PRO D 191 7.75 34.84 -6.14
N SER D 192 6.56 35.19 -5.66
CA SER D 192 5.74 36.14 -6.40
C SER D 192 6.43 37.48 -6.61
N SER D 193 7.26 37.92 -5.65
CA SER D 193 7.94 39.22 -5.77
C SER D 193 8.94 39.28 -6.91
N SER D 194 9.30 38.14 -7.46
CA SER D 194 10.25 38.10 -8.56
C SER D 194 9.55 38.10 -9.93
N LEU D 195 8.22 38.17 -9.93
CA LEU D 195 7.48 38.17 -11.18
C LEU D 195 7.70 39.42 -12.02
N GLY D 196 8.11 40.51 -11.37
CA GLY D 196 8.45 41.75 -12.05
C GLY D 196 9.84 41.70 -12.67
N THR D 197 10.82 41.32 -11.87
CA THR D 197 12.23 41.36 -12.29
C THR D 197 12.63 40.21 -13.22
N GLN D 198 12.15 39.01 -12.92
CA GLN D 198 12.65 37.81 -13.57
C GLN D 198 11.70 37.31 -14.65
N THR D 199 12.27 36.96 -15.80
CA THR D 199 11.48 36.38 -16.88
C THR D 199 11.55 34.86 -16.82
N TYR D 200 10.39 34.23 -16.91
CA TYR D 200 10.30 32.78 -16.93
C TYR D 200 9.82 32.31 -18.30
N ILE D 201 10.67 31.56 -19.00
CA ILE D 201 10.33 31.03 -20.31
C ILE D 201 10.26 29.49 -20.27
N CYS D 202 9.24 28.92 -20.88
CA CYS D 202 9.25 27.48 -21.06
C CYS D 202 9.81 27.16 -22.44
N ASN D 203 10.72 26.21 -22.52
CA ASN D 203 11.27 25.81 -23.80
C ASN D 203 10.63 24.49 -24.22
N VAL D 204 9.80 24.56 -25.24
CA VAL D 204 9.07 23.39 -25.69
C VAL D 204 9.66 22.89 -27.00
N ASN D 205 9.90 21.58 -27.06
CA ASN D 205 10.46 20.96 -28.25
C ASN D 205 9.73 19.64 -28.52
N HIS D 206 9.11 19.57 -29.69
CA HIS D 206 8.50 18.34 -30.16
C HIS D 206 9.25 17.90 -31.40
N LYS D 207 10.31 17.15 -31.19
CA LYS D 207 11.17 16.73 -32.30
C LYS D 207 10.47 16.01 -33.48
N PRO D 208 9.45 15.16 -33.22
CA PRO D 208 8.84 14.47 -34.37
C PRO D 208 8.19 15.40 -35.40
N SER D 209 7.74 16.57 -34.97
CA SER D 209 7.20 17.56 -35.89
C SER D 209 8.16 18.74 -36.13
N ASN D 210 9.34 18.68 -35.51
CA ASN D 210 10.27 19.80 -35.53
C ASN D 210 9.62 21.12 -35.11
N THR D 211 8.84 21.06 -34.04
CA THR D 211 8.24 22.24 -33.45
C THR D 211 9.04 22.64 -32.21
N LYS D 212 9.55 23.87 -32.24
CA LYS D 212 10.31 24.42 -31.13
C LYS D 212 9.74 25.78 -30.76
N VAL D 213 9.26 25.91 -29.53
CA VAL D 213 8.66 27.16 -29.08
C VAL D 213 9.21 27.58 -27.73
N ASP D 214 9.52 28.86 -27.60
CA ASP D 214 9.83 29.47 -26.30
C ASP D 214 8.70 30.43 -25.94
N LYS D 215 8.05 30.17 -24.81
CA LYS D 215 6.93 30.97 -24.36
C LYS D 215 7.27 31.59 -23.02
N ARG D 216 7.24 32.91 -22.93
CA ARG D 216 7.36 33.59 -21.64
C ARG D 216 6.02 33.61 -20.92
N VAL D 217 6.02 33.27 -19.63
CA VAL D 217 4.78 33.27 -18.87
C VAL D 217 4.80 34.32 -17.79
N GLU D 218 3.82 35.22 -17.83
CA GLU D 218 3.74 36.32 -16.86
C GLU D 218 2.30 36.46 -16.36
N PRO D 219 2.10 37.22 -15.28
CA PRO D 219 0.70 37.39 -14.83
C PRO D 219 -0.10 38.22 -15.84
N LYS D 220 -1.38 37.90 -16.05
CA LYS D 220 -2.16 38.59 -17.07
C LYS D 220 -2.61 40.01 -16.65
N CYS E 1 6.21 -2.21 12.26
CA CYS E 1 5.02 -2.93 12.75
C CYS E 1 5.21 -3.48 14.16
N GLN E 2 4.09 -3.67 14.85
CA GLN E 2 4.07 -4.43 16.11
C GLN E 2 2.67 -4.97 16.38
N TYR E 3 2.60 -6.07 17.12
CA TYR E 3 1.32 -6.69 17.45
C TYR E 3 0.50 -5.77 18.35
N ASP E 4 -0.79 -5.65 18.04
CA ASP E 4 -1.69 -4.81 18.80
C ASP E 4 -2.61 -5.72 19.61
N LEU E 5 -2.59 -5.58 20.92
CA LEU E 5 -3.41 -6.42 21.79
C LEU E 5 -4.92 -6.15 21.72
N SER E 6 -5.32 -5.02 21.14
CA SER E 6 -6.75 -4.68 21.02
C SER E 6 -7.32 -5.19 19.71
N THR E 7 -6.55 -5.04 18.64
CA THR E 7 -6.98 -5.47 17.32
C THR E 7 -6.63 -6.93 17.10
N ARG E 8 -5.66 -7.43 17.86
CA ARG E 8 -5.14 -8.79 17.70
C ARG E 8 -4.61 -9.07 16.29
N ARG E 9 -3.83 -8.13 15.78
CA ARG E 9 -3.20 -8.22 14.48
C ARG E 9 -1.99 -7.31 14.58
N LEU E 10 -1.06 -7.44 13.64
CA LEU E 10 -0.01 -6.44 13.52
C LEU E 10 -0.68 -5.09 13.19
N LYS E 11 -0.08 -4.02 13.68
CA LYS E 11 -0.51 -2.69 13.31
C LYS E 11 0.70 -1.98 12.72
N CYS E 12 0.54 -1.41 11.53
CA CYS E 12 1.64 -0.76 10.84
C CYS E 12 1.48 0.75 10.76
N CYS F 1 2.80 -4.94 -12.20
CA CYS F 1 3.04 -3.63 -12.78
C CYS F 1 3.42 -3.75 -14.26
N GLN F 2 3.31 -2.64 -14.97
CA GLN F 2 3.78 -2.52 -16.35
C GLN F 2 4.65 -1.28 -16.44
N TYR F 3 5.62 -1.31 -17.32
CA TYR F 3 6.34 -0.10 -17.66
C TYR F 3 5.38 0.80 -18.43
N ASP F 4 5.42 2.09 -18.13
CA ASP F 4 4.53 3.08 -18.76
C ASP F 4 5.39 4.06 -19.58
N LEU F 5 5.07 4.21 -20.86
CA LEU F 5 5.93 5.00 -21.73
C LEU F 5 5.72 6.51 -21.53
N SER F 6 4.73 6.87 -20.72
CA SER F 6 4.48 8.29 -20.46
C SER F 6 5.11 8.79 -19.17
N THR F 7 5.09 7.94 -18.14
CA THR F 7 5.75 8.24 -16.88
C THR F 7 7.20 7.79 -16.92
N ARG F 8 7.52 6.84 -17.79
CA ARG F 8 8.84 6.20 -17.81
C ARG F 8 9.21 5.61 -16.45
N ARG F 9 8.22 4.97 -15.83
CA ARG F 9 8.40 4.23 -14.59
C ARG F 9 7.50 3.01 -14.67
N LEU F 10 7.72 2.03 -13.81
CA LEU F 10 6.72 1.00 -13.60
C LEU F 10 5.44 1.67 -13.11
N LYS F 11 4.30 1.28 -13.66
CA LYS F 11 3.02 1.76 -13.16
C LYS F 11 2.30 0.59 -12.50
N CYS F 12 1.91 0.77 -11.24
CA CYS F 12 1.29 -0.30 -10.48
C CYS F 12 -0.15 0.05 -10.11
N CYS G 1 -43.51 -4.22 13.81
CA CYS G 1 -42.84 -3.26 12.95
C CYS G 1 -42.94 -3.62 11.46
N GLN G 2 -43.17 -2.61 10.63
CA GLN G 2 -43.28 -2.82 9.20
C GLN G 2 -42.39 -1.88 8.40
N TYR G 3 -41.88 -2.37 7.29
CA TYR G 3 -41.12 -1.54 6.36
C TYR G 3 -42.00 -1.19 5.15
N ASP G 4 -42.08 0.10 4.82
CA ASP G 4 -42.86 0.58 3.70
C ASP G 4 -41.98 0.61 2.43
N LEU G 5 -42.41 -0.09 1.39
CA LEU G 5 -41.61 -0.20 0.16
C LEU G 5 -41.60 1.08 -0.69
N SER G 6 -42.70 1.82 -0.64
CA SER G 6 -42.84 3.03 -1.47
C SER G 6 -42.25 4.29 -0.83
N THR G 7 -42.17 4.31 0.50
CA THR G 7 -41.56 5.44 1.19
C THR G 7 -40.15 5.13 1.70
N ARG G 8 -39.65 3.94 1.37
CA ARG G 8 -38.31 3.48 1.74
C ARG G 8 -37.99 3.71 3.23
N ARG G 9 -39.00 3.57 4.08
CA ARG G 9 -38.82 3.88 5.49
C ARG G 9 -39.47 2.91 6.46
N LEU G 10 -38.81 2.75 7.59
CA LEU G 10 -39.28 1.90 8.67
C LEU G 10 -40.30 2.65 9.51
N LYS G 11 -41.54 2.18 9.52
CA LYS G 11 -42.55 2.68 10.46
C LYS G 11 -42.58 1.73 11.67
N CYS G 12 -41.68 2.01 12.59
CA CYS G 12 -41.33 1.09 13.67
C CYS G 12 -40.16 1.65 14.48
P PO4 H . -8.42 -22.01 4.48
O1 PO4 H . -9.34 -21.38 5.50
O2 PO4 H . -7.03 -21.42 4.57
O3 PO4 H . -8.96 -21.76 3.09
O4 PO4 H . -8.31 -23.51 4.74
C1 NAG I . 11.02 -5.28 29.55
C2 NAG I . 11.63 -5.67 28.20
C3 NAG I . 13.05 -6.20 28.32
C4 NAG I . 13.89 -5.34 29.23
C5 NAG I . 13.20 -5.17 30.56
C6 NAG I . 14.01 -4.28 31.50
C7 NAG I . 9.88 -6.37 26.62
C8 NAG I . 10.13 -5.13 25.80
N2 NAG I . 10.79 -6.67 27.57
O3 NAG I . 13.67 -6.28 27.05
O4 NAG I . 15.17 -5.93 29.43
O5 NAG I . 11.92 -4.59 30.38
O6 NAG I . 13.31 -4.10 32.71
O7 NAG I . 8.89 -7.06 26.41
P PO4 J . -15.26 -8.41 10.28
O1 PO4 J . -15.58 -7.51 11.46
O2 PO4 J . -14.03 -7.87 9.57
O3 PO4 J . -16.39 -8.42 9.28
O4 PO4 J . -15.03 -9.83 10.76
P PO4 K . -18.53 -14.89 33.83
O1 PO4 K . -19.92 -15.08 34.38
O2 PO4 K . -18.37 -13.48 33.30
O3 PO4 K . -17.59 -15.10 34.98
O4 PO4 K . -18.26 -15.92 32.74
P PO4 L . 23.38 8.32 -5.96
O1 PO4 L . 22.53 9.30 -6.73
O2 PO4 L . 22.68 6.96 -5.84
O3 PO4 L . 23.61 8.87 -4.56
O4 PO4 L . 24.71 8.13 -6.69
C1 NAG M . 3.31 -8.58 -29.56
C2 NAG M . 4.04 -9.10 -28.31
C3 NAG M . 4.51 -10.55 -28.49
C4 NAG M . 3.38 -11.43 -29.00
C5 NAG M . 2.85 -10.84 -30.31
C6 NAG M . 1.72 -11.65 -30.91
C7 NAG M . 5.12 -7.22 -27.06
C8 NAG M . 3.95 -7.17 -26.12
N2 NAG M . 5.16 -8.22 -27.96
O3 NAG M . 5.01 -11.10 -27.28
O4 NAG M . 3.84 -12.75 -29.19
O5 NAG M . 2.40 -9.52 -30.10
O6 NAG M . 1.29 -12.68 -30.03
O7 NAG M . 5.99 -6.35 -26.98
P PO4 N . 9.58 15.90 -9.77
O1 PO4 N . 8.72 16.50 -10.88
O2 PO4 N . 10.97 15.64 -10.28
O3 PO4 N . 9.68 16.86 -8.62
O4 PO4 N . 8.95 14.61 -9.27
P PO4 O . 13.93 20.24 -33.64
O1 PO4 O . 13.89 21.64 -34.21
O2 PO4 O . 12.64 20.01 -32.88
O3 PO4 O . 15.12 20.07 -32.73
O4 PO4 O . 14.05 19.23 -34.76
#